data_7X5H
#
_entry.id   7X5H
#
loop_
_entity.id
_entity.type
_entity.pdbx_description
1 polymer 'Guanine nucleotide-binding protein G(i) subunit alpha-1'
2 polymer 'Guanine nucleotide-binding protein G(I)/G(S)/G(T) subunit beta-1'
3 polymer 'Guanine nucleotide-binding protein G(I)/G(S)/G(O) subunit gamma-2'
4 polymer scFv16
5 polymer 'Soluble cytochrome b562,5-hydroxytryptamine receptor 5A,hydroxytryptamine receptor 5A'
6 non-polymer 3-(2-azanylethyl)-1H-indole-5-carboxamide
#
loop_
_entity_poly.entity_id
_entity_poly.type
_entity_poly.pdbx_seq_one_letter_code
_entity_poly.pdbx_strand_id
1 'polypeptide(L)'
;MGCTLSAEDKAAVERSKMIDRNLREDGEKAAREVKLLLLGAGESGKNTIVKQMKIIHEAGYSEEECKQYKAVVYSNTIQS
IIAIIRAMGRLKIDFGDSARADDARQLFVLAGAAEEGFMTAELAGVIKRLWKDSGVQACFNRSREYQLNDSAAYYLNDLD
RIAQPNYIPTQQDVLRTRVKTTGIVETHFTFKDLHFKMFDVGAQRSERKKWIHCFEGVTAIIFCVALSDYDLVLAEDEEM
NRMHASMKLFDSICNNKWFTDTSIILFLNKKDLFEEKIKKSPLTICYPEYAGSNTYEEAAAYIQCQFEDLNKRKDTKEIY
THFTCSTDTKNVQFVFDAVTDVIIKNNLKDCGLF
;
A
2 'polypeptide(L)'
;MGSLLQSELDQLRQEAEQLKNQIRDARKACADATLSQITNNIDPVGRIQMRTRRTLRGHLAKIYAMHWGTDSRLLVSASQ
DGKLIIWDSYTTNKVHAIPLRSSWVMTCAYAPSGNYVACGGLDNICSIYNLKTREGNVRVSRELAGHTGYLSCCRFLDDN
QIVTSSGDTTCALWDIETGQQTTTFTGHTGDVMSLSLAPDTRLFVSGACDASAKLWDVREGMCRQTFTGHESDINAICFF
PNGNAFATGSDDATCRLFDLRADQELMTYSHDNIICGITSVSFSKSGRLLLAGYDDFNCNVWDALKADRAGVLAGHDNRV
SCLGVTDDGMAVATGSWDSFLKIWNGSSGGGGSGGGGSSGVSGWRLFKKIS
;
B
3 'polypeptide(L)' ASNNTASIAQARKLVEQLKMEANIDRIKVSKAAADLMAYCEAHAKEDPLLTPVPASENPFREKKFFCAIL C
4 'polypeptide(L)'
;MLLVNQSHQGFNKEHTSKMVSAIVLYVLLAAAAHSAFADVQLVESGGGLVQPGGSRKLSCSASGFAFSSFGMHWVRQAPE
KGLEWVAYISSGSGTIYYADTVKGRFTISRDDPKNTLFLQMTSLRSEDTAMYYCVRSIYYYGSSPFDFWGQGTTLTVSSG
GGGSGGGGSGGGGSDIVMTQATSSVPVTPGESVSISCRSSKSLLHSNGNTYLYWFLQRPGQSPQLLIYRMSNLASGVPDR
FSGSGSGTAFTLTISRLEAEDVGVYYCMQHLEYPLTFGAGTKLELK
;
E
5 'polypeptide(L)'
;MKTIIALSYIFCLVFADYKDDDDAKLQTMHHHHHHHHHHHHHHHADLEDNWETLNDNLKVIEKADNAAQVKDALTKMRAA
ALDAQKATPPKLEDKSPDSPEMKDFRHGFDILVGQIDDALKLANEGKVKEAQAAAEQLKTTRNAYIQKYLASENLYFQGG
TDLPVNLTSFSLSTPSPLETNHSLGKDDLRPSSPLLSVFGVLILTLLGFLVAATFAWNLLVLATILRVRTFHRVPHNLVA
SMAVSDVLVAALVMPLSLVHELSGRRWQLGRRLCQLWIACDVLCCTASIWNVTAIALDRYWSITRHMEYTLRTRKCVSNV
MIALTWALSAVISLAPLLFGWGETYSEGSEECQVSREPSYAVFSTVGAFYLPLCVVLFVYWKIYKAAKFRVGSRKTNSVS
PISEAVEVKDSAKQPQMVFTVRHATVTFQPEGDTWREQKEQRAALMVGILIGVFVLCWIPFFLTELISPLCSCDIPAIWK
SIFLWLGYSNSFFNPLIYTAFNKNYNSAFKNFFSRQHGSSGGGGSGGGGSSGVFTLEDFVGDWEQTAAYNLDQVLEQGGV
SSLLQNLAVSVTPIQRIVRSGENALKIDIHVIIPYEGLSADQMAQIEEVFKVVYPVDDHHFKVILPYGTLVIDGVTPNML
NYFGRPYEGIAVFDGKKITVTGTLWNGNKIIDERLITPDGSMLFRVTINS
;
R
#
loop_
_chem_comp.id
_chem_comp.type
_chem_comp.name
_chem_comp.formula
8K3 non-polymer 3-(2-azanylethyl)-1H-indole-5-carboxamide 'C11 H13 N3 O'
#
# COMPACT_ATOMS: atom_id res chain seq x y z
N LEU A 5 -0.38 21.53 -18.08
CA LEU A 5 0.57 21.51 -16.93
C LEU A 5 1.80 22.37 -17.24
N SER A 6 2.32 23.03 -16.21
CA SER A 6 3.52 23.84 -16.37
C SER A 6 4.77 22.97 -16.43
N ALA A 7 5.90 23.60 -16.75
CA ALA A 7 7.15 22.86 -16.82
C ALA A 7 7.50 22.23 -15.48
N GLU A 8 7.34 23.00 -14.39
CA GLU A 8 7.60 22.44 -13.06
C GLU A 8 6.62 21.32 -12.74
N ASP A 9 5.36 21.48 -13.14
CA ASP A 9 4.39 20.40 -12.92
C ASP A 9 4.76 19.15 -13.69
N LYS A 10 5.23 19.31 -14.93
CA LYS A 10 5.65 18.16 -15.72
C LYS A 10 6.86 17.49 -15.09
N ALA A 11 7.82 18.28 -14.59
CA ALA A 11 8.97 17.70 -13.91
C ALA A 11 8.55 16.95 -12.65
N ALA A 12 7.60 17.49 -11.90
CA ALA A 12 7.10 16.80 -10.72
C ALA A 12 6.42 15.49 -11.10
N VAL A 13 5.66 15.50 -12.20
CA VAL A 13 5.02 14.26 -12.67
C VAL A 13 6.08 13.23 -13.06
N GLU A 14 7.15 13.68 -13.73
CA GLU A 14 8.23 12.77 -14.08
C GLU A 14 8.89 12.19 -12.84
N ARG A 15 9.11 13.03 -11.82
CA ARG A 15 9.67 12.54 -10.56
C ARG A 15 8.75 11.52 -9.91
N SER A 16 7.45 11.76 -9.94
CA SER A 16 6.49 10.80 -9.38
C SER A 16 6.53 9.49 -10.14
N LYS A 17 6.65 9.56 -11.47
CA LYS A 17 6.75 8.33 -12.26
C LYS A 17 8.03 7.56 -11.92
N MET A 18 9.14 8.28 -11.75
CA MET A 18 10.37 7.61 -11.35
C MET A 18 10.24 6.95 -9.98
N ILE A 19 9.59 7.64 -9.04
CA ILE A 19 9.37 7.07 -7.71
C ILE A 19 8.50 5.82 -7.81
N ASP A 20 7.47 5.87 -8.64
CA ASP A 20 6.60 4.70 -8.83
C ASP A 20 7.38 3.54 -9.42
N ARG A 21 8.25 3.81 -10.40
CA ARG A 21 9.06 2.76 -10.97
C ARG A 21 9.99 2.14 -9.92
N ASN A 22 10.61 2.98 -9.09
CA ASN A 22 11.46 2.46 -8.03
C ASN A 22 10.68 1.61 -7.05
N LEU A 23 9.47 2.06 -6.69
CA LEU A 23 8.63 1.29 -5.77
C LEU A 23 8.25 -0.06 -6.38
N ARG A 24 7.91 -0.07 -7.67
CA ARG A 24 7.58 -1.33 -8.33
C ARG A 24 8.77 -2.27 -8.34
N GLU A 25 9.96 -1.75 -8.64
CA GLU A 25 11.16 -2.59 -8.65
C GLU A 25 11.42 -3.16 -7.26
N ASP A 26 11.31 -2.32 -6.22
CA ASP A 26 11.54 -2.79 -4.86
C ASP A 26 10.53 -3.85 -4.46
N GLY A 27 9.26 -3.66 -4.83
CA GLY A 27 8.25 -4.66 -4.54
C GLY A 27 8.52 -5.98 -5.24
N GLU A 28 8.91 -5.91 -6.51
CA GLU A 28 9.25 -7.14 -7.23
C GLU A 28 10.43 -7.85 -6.58
N LYS A 29 11.44 -7.08 -6.15
CA LYS A 29 12.59 -7.69 -5.48
C LYS A 29 12.18 -8.34 -4.16
N ALA A 30 11.31 -7.66 -3.41
CA ALA A 30 10.92 -8.19 -2.09
C ALA A 30 9.99 -9.38 -2.21
N ALA A 31 9.22 -9.48 -3.29
CA ALA A 31 8.28 -10.58 -3.44
C ALA A 31 8.98 -11.93 -3.55
N ARG A 32 10.29 -11.95 -3.82
CA ARG A 32 11.04 -13.19 -3.97
C ARG A 32 11.54 -13.75 -2.65
N GLU A 33 11.30 -13.06 -1.54
CA GLU A 33 11.83 -13.45 -0.23
C GLU A 33 10.74 -14.14 0.58
N VAL A 34 11.09 -15.28 1.18
CA VAL A 34 10.17 -16.01 2.03
C VAL A 34 10.22 -15.42 3.43
N LYS A 35 9.05 -15.09 3.97
CA LYS A 35 8.93 -14.51 5.31
C LYS A 35 8.50 -15.59 6.29
N LEU A 36 9.26 -15.75 7.38
CA LEU A 36 8.99 -16.74 8.39
C LEU A 36 8.98 -16.10 9.76
N LEU A 37 7.96 -16.41 10.55
CA LEU A 37 7.90 -15.99 11.94
C LEU A 37 8.74 -16.93 12.79
N LEU A 38 9.19 -16.43 13.95
CA LEU A 38 9.96 -17.24 14.90
C LEU A 38 9.41 -16.98 16.30
N LEU A 39 9.06 -18.06 17.01
CA LEU A 39 8.48 -17.94 18.34
C LEU A 39 8.97 -19.07 19.23
N GLY A 40 8.91 -18.83 20.54
CA GLY A 40 9.33 -19.80 21.52
C GLY A 40 9.24 -19.23 22.91
N ALA A 41 9.66 -20.06 23.87
CA ALA A 41 9.65 -19.66 25.27
C ALA A 41 10.83 -20.30 25.98
N GLY A 42 11.25 -19.69 27.08
CA GLY A 42 12.43 -20.16 27.80
C GLY A 42 13.69 -20.10 26.97
N GLU A 43 13.70 -19.28 25.92
CA GLU A 43 14.77 -19.19 24.94
C GLU A 43 14.74 -20.39 23.99
N SER A 44 13.95 -21.41 24.31
CA SER A 44 13.60 -22.48 23.38
C SER A 44 14.81 -22.99 22.59
N GLY A 45 16.01 -22.88 23.15
CA GLY A 45 17.20 -23.18 22.39
C GLY A 45 17.21 -22.41 21.09
N LYS A 46 16.70 -21.17 21.13
CA LYS A 46 16.47 -20.42 19.90
C LYS A 46 17.76 -19.86 19.32
N ASN A 47 18.73 -19.51 20.16
CA ASN A 47 19.98 -18.95 19.66
C ASN A 47 20.67 -19.94 18.72
N THR A 48 20.70 -21.22 19.10
CA THR A 48 21.30 -22.23 18.26
C THR A 48 20.59 -22.32 16.91
N ILE A 49 19.26 -22.27 16.92
CA ILE A 49 18.50 -22.36 15.67
C ILE A 49 18.82 -21.17 14.77
N VAL A 50 18.83 -19.96 15.33
CA VAL A 50 19.04 -18.78 14.51
C VAL A 50 20.46 -18.77 13.95
N LYS A 51 21.45 -19.14 14.76
CA LYS A 51 22.82 -19.17 14.26
C LYS A 51 23.00 -20.28 13.23
N GLN A 52 22.24 -21.38 13.35
CA GLN A 52 22.29 -22.41 12.32
C GLN A 52 21.73 -21.89 11.01
N MET A 53 20.55 -21.25 11.04
CA MET A 53 20.00 -20.66 9.82
C MET A 53 20.97 -19.64 9.21
N LYS A 54 21.55 -18.77 10.04
CA LYS A 54 22.43 -17.73 9.49
C LYS A 54 23.63 -18.34 8.77
N ILE A 55 24.21 -19.38 9.35
CA ILE A 55 25.34 -20.05 8.73
C ILE A 55 24.90 -20.75 7.45
N THR A 182 16.90 -4.51 21.17
CA THR A 182 15.48 -4.33 21.47
C THR A 182 14.64 -4.46 20.20
N GLY A 183 13.36 -4.78 20.36
CA GLY A 183 12.48 -4.90 19.23
C GLY A 183 12.73 -6.18 18.44
N ILE A 184 12.22 -6.18 17.21
CA ILE A 184 12.32 -7.34 16.33
C ILE A 184 13.75 -7.44 15.80
N VAL A 185 14.23 -8.67 15.63
CA VAL A 185 15.54 -8.93 15.04
C VAL A 185 15.32 -9.69 13.73
N GLU A 186 15.81 -9.13 12.64
CA GLU A 186 15.61 -9.71 11.31
C GLU A 186 16.90 -10.38 10.87
N THR A 187 16.80 -11.66 10.50
CA THR A 187 17.94 -12.43 10.00
C THR A 187 17.64 -12.91 8.59
N HIS A 188 18.56 -12.64 7.68
CA HIS A 188 18.43 -13.01 6.28
C HIS A 188 19.42 -14.13 5.98
N PHE A 189 18.94 -15.24 5.43
CA PHE A 189 19.83 -16.32 5.06
C PHE A 189 19.39 -16.94 3.74
N THR A 190 20.35 -17.18 2.86
CA THR A 190 20.10 -17.70 1.52
C THR A 190 20.49 -19.17 1.47
N PHE A 191 19.55 -20.01 1.02
CA PHE A 191 19.79 -21.43 0.88
C PHE A 191 20.29 -21.70 -0.54
N LYS A 192 20.33 -22.97 -0.95
CA LYS A 192 20.87 -23.33 -2.25
C LYS A 192 20.23 -22.53 -3.38
N ASP A 193 18.90 -22.37 -3.33
CA ASP A 193 18.19 -21.68 -4.39
C ASP A 193 17.09 -20.74 -3.90
N LEU A 194 16.96 -20.51 -2.59
CA LEU A 194 15.92 -19.66 -2.06
C LEU A 194 16.48 -18.77 -0.95
N HIS A 195 15.85 -17.60 -0.80
CA HIS A 195 16.20 -16.64 0.24
C HIS A 195 15.15 -16.67 1.33
N PHE A 196 15.56 -16.48 2.58
CA PHE A 196 14.66 -16.55 3.72
C PHE A 196 14.89 -15.38 4.66
N LYS A 197 13.79 -14.78 5.09
CA LYS A 197 13.78 -13.71 6.09
C LYS A 197 13.08 -14.24 7.34
N MET A 198 13.77 -14.19 8.47
CA MET A 198 13.23 -14.67 9.73
C MET A 198 13.16 -13.52 10.73
N PHE A 199 12.00 -13.36 11.36
CA PHE A 199 11.76 -12.29 12.32
C PHE A 199 11.70 -12.90 13.72
N ASP A 200 12.58 -12.45 14.60
CA ASP A 200 12.56 -12.82 16.01
C ASP A 200 11.87 -11.67 16.75
N VAL A 201 10.62 -11.92 17.13
CA VAL A 201 9.80 -10.93 17.82
C VAL A 201 9.60 -11.38 19.26
N GLY A 202 10.31 -12.44 19.66
CA GLY A 202 10.17 -12.96 21.01
C GLY A 202 10.67 -12.01 22.08
N ALA A 203 11.49 -11.03 21.70
CA ALA A 203 12.00 -10.04 22.64
C ALA A 203 11.07 -8.85 22.79
N GLN A 204 9.96 -8.80 22.04
CA GLN A 204 9.03 -7.67 22.15
C GLN A 204 8.45 -7.58 23.54
N ARG A 205 8.03 -8.72 24.11
CA ARG A 205 7.51 -8.77 25.47
C ARG A 205 6.34 -7.79 25.65
N SER A 206 5.28 -8.04 24.88
CA SER A 206 4.09 -7.22 24.96
C SER A 206 2.90 -8.04 24.45
N GLU A 207 1.70 -7.53 24.71
CA GLU A 207 0.49 -8.22 24.29
C GLU A 207 0.52 -8.53 22.81
N ARG A 208 0.47 -9.81 22.48
CA ARG A 208 0.52 -10.22 21.08
C ARG A 208 -0.72 -9.76 20.32
N LYS A 209 -1.84 -9.55 21.01
CA LYS A 209 -3.08 -9.21 20.32
C LYS A 209 -2.95 -7.91 19.53
N LYS A 210 -2.14 -6.97 20.02
CA LYS A 210 -2.08 -5.65 19.40
C LYS A 210 -1.11 -5.59 18.22
N TRP A 211 -0.22 -6.57 18.06
CA TRP A 211 0.75 -6.52 16.96
C TRP A 211 0.92 -7.84 16.21
N ILE A 212 0.34 -8.95 16.66
CA ILE A 212 0.52 -10.21 15.96
C ILE A 212 -0.07 -10.13 14.55
N HIS A 213 -1.15 -9.38 14.38
CA HIS A 213 -1.80 -9.28 13.08
C HIS A 213 -0.87 -8.75 12.00
N CYS A 214 0.20 -8.05 12.39
CA CYS A 214 1.16 -7.57 11.40
C CYS A 214 1.80 -8.69 10.60
N PHE A 215 1.81 -9.92 11.13
CA PHE A 215 2.45 -11.06 10.48
C PHE A 215 1.45 -11.96 9.75
N GLU A 216 0.35 -11.40 9.25
CA GLU A 216 -0.66 -12.21 8.59
C GLU A 216 -0.13 -12.86 7.32
N GLY A 217 0.80 -12.21 6.63
CA GLY A 217 1.31 -12.67 5.36
C GLY A 217 2.53 -13.57 5.42
N VAL A 218 2.97 -13.98 6.61
CA VAL A 218 4.15 -14.82 6.72
C VAL A 218 3.88 -16.17 6.07
N THR A 219 4.88 -16.70 5.37
CA THR A 219 4.73 -18.01 4.72
C THR A 219 4.55 -19.11 5.75
N ALA A 220 5.30 -19.07 6.85
CA ALA A 220 5.21 -20.10 7.87
C ALA A 220 5.66 -19.53 9.21
N ILE A 221 5.32 -20.25 10.27
CA ILE A 221 5.68 -19.86 11.63
C ILE A 221 6.54 -20.97 12.22
N ILE A 222 7.79 -20.65 12.54
CA ILE A 222 8.69 -21.59 13.19
C ILE A 222 8.51 -21.44 14.69
N PHE A 223 8.14 -22.54 15.34
CA PHE A 223 7.99 -22.60 16.79
C PHE A 223 9.12 -23.46 17.34
N CYS A 224 9.74 -23.01 18.42
CA CYS A 224 10.86 -23.71 19.02
C CYS A 224 10.48 -24.09 20.46
N VAL A 225 10.70 -25.35 20.81
CA VAL A 225 10.39 -25.86 22.14
C VAL A 225 11.58 -26.65 22.66
N ALA A 226 11.94 -26.41 23.92
CA ALA A 226 13.00 -27.17 24.58
C ALA A 226 12.38 -28.37 25.28
N LEU A 227 12.77 -29.58 24.84
CA LEU A 227 12.22 -30.79 25.41
C LEU A 227 12.52 -30.92 26.91
N SER A 228 13.56 -30.22 27.38
CA SER A 228 13.92 -30.30 28.79
C SER A 228 12.94 -29.58 29.71
N ASP A 229 11.99 -28.82 29.15
CA ASP A 229 11.09 -28.01 29.96
C ASP A 229 10.04 -28.83 30.70
N TYR A 230 9.93 -30.13 30.44
CA TYR A 230 8.87 -30.92 31.05
C TYR A 230 8.99 -30.94 32.57
N ASP A 231 10.21 -31.10 33.09
CA ASP A 231 10.43 -31.11 34.54
C ASP A 231 10.86 -29.76 35.08
N LEU A 232 11.09 -28.77 34.23
CA LEU A 232 11.47 -27.44 34.68
C LEU A 232 10.23 -26.64 35.07
N VAL A 233 10.37 -25.83 36.11
CA VAL A 233 9.28 -25.00 36.62
C VAL A 233 9.49 -23.57 36.14
N LEU A 234 8.43 -22.94 35.66
CA LEU A 234 8.52 -21.58 35.15
C LEU A 234 9.05 -20.64 36.24
N ALA A 235 9.95 -19.75 35.85
CA ALA A 235 10.53 -18.82 36.82
C ALA A 235 9.46 -17.91 37.42
N GLU A 236 8.53 -17.43 36.59
CA GLU A 236 7.47 -16.57 37.09
C GLU A 236 6.47 -17.30 37.97
N ASP A 237 6.52 -18.62 38.01
CA ASP A 237 5.62 -19.44 38.82
C ASP A 237 6.44 -20.34 39.73
N GLU A 238 5.73 -21.19 40.50
CA GLU A 238 6.38 -22.14 41.39
C GLU A 238 5.85 -23.57 41.25
N GLU A 239 4.75 -23.78 40.54
CA GLU A 239 4.19 -25.10 40.31
C GLU A 239 4.00 -25.41 38.83
N MET A 240 3.63 -24.42 38.03
CA MET A 240 3.44 -24.64 36.60
C MET A 240 4.76 -24.97 35.93
N ASN A 241 4.77 -25.99 35.10
CA ASN A 241 5.96 -26.37 34.36
C ASN A 241 6.10 -25.53 33.10
N ARG A 242 7.36 -25.30 32.69
CA ARG A 242 7.61 -24.55 31.48
C ARG A 242 6.99 -25.21 30.26
N MET A 243 6.87 -26.54 30.29
CA MET A 243 6.22 -27.25 29.19
C MET A 243 4.76 -26.85 29.06
N HIS A 244 4.08 -26.66 30.19
CA HIS A 244 2.69 -26.21 30.13
C HIS A 244 2.59 -24.82 29.50
N ALA A 245 3.50 -23.91 29.87
CA ALA A 245 3.49 -22.58 29.27
C ALA A 245 3.76 -22.66 27.77
N SER A 246 4.70 -23.51 27.36
CA SER A 246 4.97 -23.68 25.93
C SER A 246 3.75 -24.23 25.20
N MET A 247 3.06 -25.19 25.80
CA MET A 247 1.83 -25.72 25.21
C MET A 247 0.77 -24.64 25.07
N LYS A 248 0.61 -23.82 26.12
CA LYS A 248 -0.38 -22.74 26.05
C LYS A 248 -0.03 -21.75 24.94
N LEU A 249 1.25 -21.39 24.82
CA LEU A 249 1.65 -20.47 23.77
C LEU A 249 1.43 -21.08 22.40
N PHE A 250 1.73 -22.36 22.24
CA PHE A 250 1.51 -23.04 20.96
C PHE A 250 0.02 -23.06 20.61
N ASP A 251 -0.83 -23.33 21.60
CA ASP A 251 -2.27 -23.32 21.36
C ASP A 251 -2.73 -21.92 20.96
N SER A 252 -2.22 -20.89 21.64
CA SER A 252 -2.63 -19.53 21.32
C SER A 252 -2.23 -19.14 19.90
N ILE A 253 -1.00 -19.46 19.51
CA ILE A 253 -0.53 -19.07 18.19
C ILE A 253 -1.23 -19.88 17.10
N CYS A 254 -1.36 -21.19 17.30
CA CYS A 254 -1.95 -22.04 16.27
C CYS A 254 -3.42 -21.72 16.05
N ASN A 255 -4.20 -21.66 17.13
CA ASN A 255 -5.63 -21.37 17.04
C ASN A 255 -5.87 -19.85 17.07
N ASN A 256 -5.31 -19.18 16.07
CA ASN A 256 -5.42 -17.74 15.92
C ASN A 256 -6.10 -17.41 14.60
N LYS A 257 -7.00 -16.43 14.61
CA LYS A 257 -7.73 -16.07 13.41
C LYS A 257 -6.81 -15.52 12.33
N TRP A 258 -5.62 -15.03 12.70
CA TRP A 258 -4.68 -14.49 11.74
C TRP A 258 -3.79 -15.56 11.11
N PHE A 259 -3.79 -16.78 11.64
CA PHE A 259 -2.93 -17.85 11.15
C PHE A 259 -3.71 -19.14 10.92
N THR A 260 -4.97 -19.02 10.50
CA THR A 260 -5.77 -20.21 10.22
C THR A 260 -5.19 -21.01 9.06
N ASP A 261 -4.73 -20.31 8.01
CA ASP A 261 -4.20 -20.93 6.82
C ASP A 261 -2.68 -20.91 6.76
N THR A 262 -2.01 -20.58 7.85
CA THR A 262 -0.55 -20.51 7.89
C THR A 262 0.00 -21.75 8.58
N SER A 263 1.04 -22.33 7.98
CA SER A 263 1.61 -23.57 8.49
C SER A 263 2.62 -23.27 9.61
N ILE A 264 2.86 -24.29 10.44
CA ILE A 264 3.76 -24.20 11.58
C ILE A 264 4.83 -25.26 11.44
N ILE A 265 6.09 -24.86 11.59
CA ILE A 265 7.23 -25.77 11.61
C ILE A 265 7.71 -25.84 13.06
N LEU A 266 7.57 -27.01 13.67
CA LEU A 266 7.89 -27.20 15.07
C LEU A 266 9.27 -27.81 15.22
N PHE A 267 10.09 -27.22 16.08
CA PHE A 267 11.45 -27.68 16.34
C PHE A 267 11.57 -28.06 17.81
N LEU A 268 12.16 -29.22 18.07
CA LEU A 268 12.43 -29.71 19.41
C LEU A 268 13.94 -29.72 19.60
N ASN A 269 14.46 -28.77 20.39
CA ASN A 269 15.89 -28.50 20.40
C ASN A 269 16.66 -29.46 21.28
N LYS A 270 16.36 -29.46 22.59
CA LYS A 270 17.19 -30.16 23.58
C LYS A 270 16.89 -31.66 23.53
N LYS A 271 17.37 -32.29 22.46
CA LYS A 271 17.23 -33.74 22.32
C LYS A 271 18.13 -34.47 23.30
N ASP A 272 19.42 -34.10 23.33
CA ASP A 272 20.38 -34.81 24.18
C ASP A 272 20.09 -34.56 25.65
N LEU A 273 19.80 -33.32 26.02
CA LEU A 273 19.55 -33.01 27.42
C LEU A 273 18.24 -33.66 27.88
N PHE A 274 17.23 -33.67 27.01
CA PHE A 274 15.99 -34.37 27.34
C PHE A 274 16.22 -35.87 27.53
N GLU A 275 17.03 -36.48 26.65
CA GLU A 275 17.34 -37.89 26.80
C GLU A 275 18.06 -38.15 28.12
N GLU A 276 19.00 -37.27 28.48
CA GLU A 276 19.69 -37.43 29.75
C GLU A 276 18.74 -37.32 30.93
N LYS A 277 17.83 -36.34 30.88
CA LYS A 277 16.91 -36.13 31.99
C LYS A 277 15.94 -37.30 32.15
N ILE A 278 15.34 -37.75 31.03
CA ILE A 278 14.34 -38.81 31.12
C ILE A 278 14.95 -40.09 31.66
N LYS A 279 16.26 -40.28 31.50
CA LYS A 279 16.92 -41.45 32.04
C LYS A 279 16.79 -41.54 33.55
N LYS A 280 16.53 -40.41 34.22
CA LYS A 280 16.38 -40.37 35.67
C LYS A 280 15.04 -39.82 36.13
N SER A 281 14.49 -38.84 35.44
CA SER A 281 13.22 -38.22 35.83
C SER A 281 12.12 -38.72 34.92
N PRO A 282 11.03 -39.33 35.44
CA PRO A 282 9.98 -39.88 34.59
C PRO A 282 9.18 -38.75 33.93
N LEU A 283 8.66 -38.97 32.73
CA LEU A 283 7.83 -37.99 32.04
C LEU A 283 6.50 -37.76 32.73
N THR A 284 6.11 -38.65 33.65
CA THR A 284 4.85 -38.46 34.37
C THR A 284 4.86 -37.21 35.24
N ILE A 285 6.05 -36.67 35.54
CA ILE A 285 6.12 -35.45 36.35
C ILE A 285 5.38 -34.31 35.66
N CYS A 286 5.36 -34.31 34.33
CA CYS A 286 4.67 -33.29 33.56
C CYS A 286 3.39 -33.79 32.90
N TYR A 287 3.27 -35.09 32.66
CA TYR A 287 2.10 -35.68 32.00
C TYR A 287 1.57 -36.82 32.86
N PRO A 288 0.73 -36.52 33.85
CA PRO A 288 0.16 -37.61 34.66
C PRO A 288 -0.61 -38.62 33.82
N GLU A 289 -1.23 -38.18 32.73
CA GLU A 289 -1.96 -39.09 31.85
C GLU A 289 -1.03 -39.98 31.01
N TYR A 290 0.27 -39.70 31.02
CA TYR A 290 1.21 -40.49 30.22
C TYR A 290 1.23 -41.94 30.69
N ALA A 291 1.46 -42.85 29.75
CA ALA A 291 1.48 -44.27 30.07
C ALA A 291 2.59 -44.65 31.04
N GLY A 292 3.58 -43.78 31.23
CA GLY A 292 4.66 -44.04 32.15
C GLY A 292 5.83 -44.79 31.58
N SER A 293 5.85 -45.03 30.26
CA SER A 293 6.97 -45.73 29.64
C SER A 293 8.20 -44.83 29.65
N ASN A 294 9.20 -45.20 30.45
CA ASN A 294 10.41 -44.40 30.61
C ASN A 294 11.41 -44.80 29.53
N THR A 295 11.18 -44.29 28.32
CA THR A 295 12.09 -44.52 27.20
C THR A 295 12.11 -43.28 26.32
N TYR A 296 13.22 -43.09 25.62
CA TYR A 296 13.40 -41.89 24.80
C TYR A 296 12.42 -41.86 23.63
N GLU A 297 12.33 -42.95 22.87
CA GLU A 297 11.55 -42.91 21.64
C GLU A 297 10.07 -42.72 21.93
N GLU A 298 9.52 -43.50 22.87
CA GLU A 298 8.11 -43.39 23.19
C GLU A 298 7.78 -42.01 23.77
N ALA A 299 8.65 -41.50 24.64
CA ALA A 299 8.41 -40.18 25.22
C ALA A 299 8.43 -39.09 24.15
N ALA A 300 9.39 -39.17 23.22
CA ALA A 300 9.44 -38.19 22.15
C ALA A 300 8.20 -38.27 21.26
N ALA A 301 7.76 -39.48 20.93
CA ALA A 301 6.56 -39.64 20.12
C ALA A 301 5.34 -39.08 20.84
N TYR A 302 5.25 -39.34 22.15
CA TYR A 302 4.13 -38.82 22.93
C TYR A 302 4.15 -37.29 22.94
N ILE A 303 5.32 -36.69 23.12
CA ILE A 303 5.42 -35.23 23.13
C ILE A 303 5.00 -34.67 21.77
N GLN A 304 5.48 -35.28 20.69
CA GLN A 304 5.12 -34.79 19.36
C GLN A 304 3.62 -34.92 19.12
N CYS A 305 3.02 -36.04 19.52
CA CYS A 305 1.59 -36.23 19.33
C CYS A 305 0.80 -35.20 20.14
N GLN A 306 1.21 -34.96 21.38
CA GLN A 306 0.52 -33.98 22.21
C GLN A 306 0.62 -32.58 21.60
N PHE A 307 1.80 -32.22 21.11
CA PHE A 307 1.95 -30.90 20.50
C PHE A 307 1.12 -30.78 19.22
N GLU A 308 1.06 -31.84 18.42
CA GLU A 308 0.29 -31.78 17.18
C GLU A 308 -1.20 -31.79 17.43
N ASP A 309 -1.64 -32.40 18.54
CA ASP A 309 -3.07 -32.45 18.84
C ASP A 309 -3.68 -31.08 19.04
N LEU A 310 -2.87 -30.07 19.38
CA LEU A 310 -3.41 -28.72 19.59
C LEU A 310 -3.96 -28.12 18.31
N ASN A 311 -3.61 -28.67 17.15
CA ASN A 311 -4.06 -28.13 15.87
C ASN A 311 -5.55 -28.44 15.70
N LYS A 312 -6.38 -27.43 15.97
CA LYS A 312 -7.82 -27.55 15.81
C LYS A 312 -8.28 -27.24 14.39
N ARG A 313 -7.37 -26.88 13.50
CA ARG A 313 -7.67 -26.55 12.11
C ARG A 313 -6.81 -27.41 11.18
N LYS A 314 -6.75 -28.71 11.45
CA LYS A 314 -5.91 -29.60 10.66
C LYS A 314 -6.28 -29.55 9.18
N ASP A 315 -7.55 -29.31 8.86
CA ASP A 315 -7.97 -29.26 7.46
C ASP A 315 -7.39 -28.07 6.73
N THR A 316 -6.99 -27.01 7.44
CA THR A 316 -6.47 -25.81 6.80
C THR A 316 -4.98 -25.59 7.00
N LYS A 317 -4.36 -26.26 7.97
CA LYS A 317 -2.93 -26.08 8.23
C LYS A 317 -2.33 -27.40 8.69
N GLU A 318 -1.01 -27.51 8.56
CA GLU A 318 -0.27 -28.70 8.92
C GLU A 318 0.95 -28.30 9.74
N ILE A 319 1.42 -29.24 10.57
CA ILE A 319 2.57 -29.03 11.44
C ILE A 319 3.68 -29.97 10.99
N TYR A 320 4.86 -29.40 10.73
CA TYR A 320 6.03 -30.17 10.30
C TYR A 320 6.98 -30.27 11.48
N THR A 321 6.76 -31.27 12.34
CA THR A 321 7.62 -31.46 13.51
C THR A 321 8.98 -32.02 13.10
N HIS A 322 10.00 -31.61 13.85
CA HIS A 322 11.35 -32.09 13.59
C HIS A 322 12.17 -31.98 14.87
N PHE A 323 13.15 -32.86 15.00
CA PHE A 323 14.06 -32.87 16.15
C PHE A 323 15.38 -32.23 15.73
N THR A 324 15.79 -31.19 16.45
CA THR A 324 17.02 -30.49 16.11
C THR A 324 18.23 -31.40 16.34
N CYS A 325 19.23 -31.26 15.47
CA CYS A 325 20.46 -32.04 15.55
C CYS A 325 21.65 -31.11 15.34
N SER A 326 22.83 -31.60 15.75
CA SER A 326 24.04 -30.79 15.64
C SER A 326 24.37 -30.44 14.20
N THR A 327 23.82 -31.18 13.23
CA THR A 327 24.08 -30.90 11.82
C THR A 327 23.21 -29.73 11.39
N ASP A 328 23.84 -28.59 11.13
CA ASP A 328 23.08 -27.40 10.72
C ASP A 328 22.41 -27.62 9.37
N THR A 329 23.14 -28.24 8.43
CA THR A 329 22.60 -28.44 7.09
C THR A 329 21.31 -29.25 7.13
N LYS A 330 21.19 -30.21 8.04
CA LYS A 330 19.96 -30.98 8.15
C LYS A 330 18.78 -30.08 8.51
N ASN A 331 18.97 -29.19 9.48
CA ASN A 331 17.89 -28.28 9.88
C ASN A 331 17.53 -27.34 8.74
N VAL A 332 18.54 -26.79 8.05
CA VAL A 332 18.24 -25.87 6.95
C VAL A 332 17.51 -26.59 5.83
N GLN A 333 17.93 -27.82 5.53
CA GLN A 333 17.26 -28.60 4.49
C GLN A 333 15.82 -28.90 4.88
N PHE A 334 15.58 -29.23 6.15
CA PHE A 334 14.21 -29.49 6.59
C PHE A 334 13.36 -28.23 6.46
N VAL A 335 13.90 -27.08 6.84
CA VAL A 335 13.14 -25.84 6.72
C VAL A 335 12.82 -25.56 5.25
N PHE A 336 13.80 -25.75 4.37
CA PHE A 336 13.57 -25.52 2.94
C PHE A 336 12.52 -26.47 2.40
N ASP A 337 12.58 -27.74 2.80
CA ASP A 337 11.59 -28.72 2.33
C ASP A 337 10.20 -28.36 2.82
N ALA A 338 10.09 -27.93 4.08
CA ALA A 338 8.79 -27.53 4.60
C ALA A 338 8.23 -26.32 3.84
N VAL A 339 9.09 -25.35 3.55
CA VAL A 339 8.65 -24.18 2.80
C VAL A 339 8.20 -24.58 1.40
N THR A 340 8.96 -25.47 0.75
CA THR A 340 8.58 -25.93 -0.59
C THR A 340 7.25 -26.66 -0.56
N ASP A 341 7.04 -27.52 0.44
CA ASP A 341 5.77 -28.24 0.55
C ASP A 341 4.62 -27.26 0.77
N VAL A 342 4.83 -26.25 1.62
CA VAL A 342 3.78 -25.27 1.87
C VAL A 342 3.45 -24.52 0.59
N ILE A 343 4.47 -24.12 -0.17
CA ILE A 343 4.23 -23.39 -1.42
C ILE A 343 3.47 -24.26 -2.41
N ILE A 344 3.87 -25.52 -2.54
CA ILE A 344 3.20 -26.42 -3.48
C ILE A 344 1.74 -26.61 -3.09
N LYS A 345 1.49 -26.82 -1.80
CA LYS A 345 0.11 -27.00 -1.34
C LYS A 345 -0.71 -25.74 -1.55
N ASN A 346 -0.12 -24.56 -1.32
CA ASN A 346 -0.84 -23.32 -1.55
C ASN A 346 -1.17 -23.15 -3.03
N ASN A 347 -0.22 -23.45 -3.91
CA ASN A 347 -0.50 -23.35 -5.34
C ASN A 347 -1.62 -24.31 -5.75
N LEU A 348 -1.53 -25.57 -5.29
CA LEU A 348 -2.57 -26.54 -5.63
C LEU A 348 -3.93 -26.08 -5.13
N LYS A 349 -3.99 -25.54 -3.92
CA LYS A 349 -5.25 -24.99 -3.41
C LYS A 349 -5.72 -23.83 -4.28
N ASP A 350 -4.78 -23.05 -4.83
CA ASP A 350 -5.17 -22.02 -5.78
C ASP A 350 -5.83 -22.63 -7.00
N CYS A 351 -5.32 -23.76 -7.48
CA CYS A 351 -5.98 -24.46 -8.58
C CYS A 351 -7.34 -25.02 -8.19
N GLY A 352 -7.66 -25.06 -6.90
CA GLY A 352 -8.95 -25.55 -6.46
C GLY A 352 -9.00 -27.03 -6.13
N LEU A 353 -7.91 -27.76 -6.37
CA LEU A 353 -7.88 -29.19 -6.05
C LEU A 353 -7.99 -29.46 -4.56
N PHE A 354 -7.70 -28.48 -3.71
CA PHE A 354 -7.71 -28.70 -2.27
C PHE A 354 -9.05 -28.29 -1.66
N SER B 7 -3.34 -3.25 59.08
CA SER B 7 -2.06 -3.28 58.33
C SER B 7 -1.93 -2.08 57.41
N GLU B 8 -0.69 -1.69 57.10
CA GLU B 8 -0.47 -0.54 56.24
C GLU B 8 -1.04 -0.77 54.84
N LEU B 9 -0.83 -1.98 54.30
CA LEU B 9 -1.35 -2.29 52.97
C LEU B 9 -2.88 -2.24 52.97
N ASP B 10 -3.51 -2.81 53.99
CA ASP B 10 -4.96 -2.77 54.07
C ASP B 10 -5.47 -1.35 54.20
N GLN B 11 -4.79 -0.52 55.00
CA GLN B 11 -5.20 0.88 55.14
C GLN B 11 -5.08 1.61 53.81
N LEU B 12 -3.98 1.37 53.07
CA LEU B 12 -3.82 2.02 51.78
C LEU B 12 -4.89 1.58 50.79
N ARG B 13 -5.20 0.28 50.77
CA ARG B 13 -6.24 -0.21 49.88
C ARG B 13 -7.60 0.41 50.23
N GLN B 14 -7.91 0.49 51.52
CA GLN B 14 -9.17 1.10 51.95
C GLN B 14 -9.22 2.58 51.56
N GLU B 15 -8.09 3.29 51.71
CA GLU B 15 -8.05 4.69 51.30
C GLU B 15 -8.26 4.83 49.81
N ALA B 16 -7.65 3.95 49.01
CA ALA B 16 -7.85 4.00 47.57
C ALA B 16 -9.30 3.74 47.20
N GLU B 17 -9.92 2.76 47.84
CA GLU B 17 -11.33 2.47 47.57
C GLU B 17 -12.22 3.66 47.96
N GLN B 18 -11.92 4.28 49.10
CA GLN B 18 -12.69 5.45 49.51
C GLN B 18 -12.52 6.60 48.53
N LEU B 19 -11.31 6.80 48.01
CA LEU B 19 -11.09 7.85 47.03
C LEU B 19 -11.84 7.57 45.75
N LYS B 20 -11.85 6.31 45.30
CA LYS B 20 -12.63 5.94 44.12
C LYS B 20 -14.11 6.22 44.33
N ASN B 21 -14.63 5.84 45.51
CA ASN B 21 -16.02 6.11 45.82
C ASN B 21 -16.30 7.60 45.80
N GLN B 22 -15.41 8.40 46.39
CA GLN B 22 -15.61 9.84 46.44
C GLN B 22 -15.62 10.45 45.05
N ILE B 23 -14.69 10.04 44.18
CA ILE B 23 -14.63 10.62 42.85
C ILE B 23 -15.87 10.22 42.04
N ARG B 24 -16.30 8.96 42.14
CA ARG B 24 -17.49 8.56 41.41
C ARG B 24 -18.72 9.29 41.93
N ASP B 25 -18.81 9.49 43.25
CA ASP B 25 -19.94 10.24 43.81
C ASP B 25 -19.93 11.68 43.34
N ALA B 26 -18.76 12.31 43.29
CA ALA B 26 -18.67 13.67 42.80
C ALA B 26 -19.08 13.76 41.33
N ARG B 27 -18.63 12.79 40.52
CA ARG B 27 -19.02 12.78 39.11
C ARG B 27 -20.53 12.62 38.97
N LYS B 28 -21.13 11.74 39.78
CA LYS B 28 -22.58 11.59 39.74
C LYS B 28 -23.28 12.88 40.14
N ALA B 29 -22.78 13.54 41.19
CA ALA B 29 -23.41 14.77 41.66
C ALA B 29 -23.34 15.88 40.61
N CYS B 30 -22.18 16.04 39.97
CA CYS B 30 -22.03 17.09 38.98
C CYS B 30 -22.79 16.80 37.69
N ALA B 31 -23.32 15.60 37.52
CA ALA B 31 -24.08 15.23 36.32
C ALA B 31 -25.54 15.66 36.51
N ASP B 32 -25.73 16.99 36.52
CA ASP B 32 -27.07 17.53 36.68
C ASP B 32 -27.95 17.25 35.46
N ALA B 33 -27.35 17.05 34.30
CA ALA B 33 -28.09 16.80 33.08
C ALA B 33 -27.22 15.96 32.16
N THR B 34 -27.68 15.76 30.92
CA THR B 34 -26.98 14.98 29.92
C THR B 34 -26.99 15.72 28.59
N LEU B 35 -25.98 15.44 27.77
CA LEU B 35 -25.87 16.11 26.48
C LEU B 35 -27.05 15.79 25.57
N SER B 36 -27.57 14.56 25.66
CA SER B 36 -28.66 14.16 24.77
C SER B 36 -29.87 15.07 24.95
N GLN B 37 -30.24 15.35 26.20
CA GLN B 37 -31.42 16.20 26.45
C GLN B 37 -31.19 17.60 25.90
N ILE B 38 -30.00 18.16 26.10
CA ILE B 38 -29.75 19.53 25.66
C ILE B 38 -29.75 19.62 24.14
N THR B 39 -29.11 18.66 23.47
CA THR B 39 -29.04 18.65 22.01
C THR B 39 -30.21 17.93 21.36
N ASN B 40 -31.25 17.59 22.12
CA ASN B 40 -32.42 16.94 21.53
C ASN B 40 -33.08 17.83 20.48
N ASN B 41 -33.18 19.13 20.74
CA ASN B 41 -33.87 20.05 19.85
C ASN B 41 -32.97 20.63 18.77
N ILE B 42 -31.69 20.28 18.75
CA ILE B 42 -30.81 20.79 17.71
C ILE B 42 -31.26 20.25 16.35
N ASP B 43 -31.03 21.04 15.30
CA ASP B 43 -31.40 20.63 13.96
C ASP B 43 -30.53 19.47 13.53
N PRO B 44 -31.10 18.32 13.15
CA PRO B 44 -30.25 17.21 12.70
C PRO B 44 -29.38 17.61 11.53
N VAL B 45 -28.15 17.08 11.52
CA VAL B 45 -27.22 17.40 10.43
C VAL B 45 -27.79 16.91 9.10
N GLY B 46 -28.35 15.72 9.08
CA GLY B 46 -28.87 15.13 7.86
C GLY B 46 -27.90 14.14 7.25
N ARG B 47 -28.35 13.54 6.15
CA ARG B 47 -27.55 12.53 5.45
C ARG B 47 -26.32 13.20 4.85
N ILE B 48 -25.15 12.87 5.36
CA ILE B 48 -23.89 13.40 4.86
C ILE B 48 -23.39 12.50 3.74
N GLN B 49 -23.23 13.07 2.55
CA GLN B 49 -22.78 12.34 1.38
C GLN B 49 -21.41 12.84 0.97
N MET B 50 -20.46 11.91 0.80
CA MET B 50 -19.10 12.23 0.40
C MET B 50 -18.68 11.30 -0.73
N ARG B 51 -17.76 11.78 -1.56
CA ARG B 51 -17.25 11.02 -2.68
C ARG B 51 -15.73 11.06 -2.68
N THR B 52 -15.13 9.99 -3.21
CA THR B 52 -13.68 9.87 -3.29
C THR B 52 -13.17 10.71 -4.44
N ARG B 53 -12.65 11.90 -4.11
CA ARG B 53 -12.13 12.78 -5.15
C ARG B 53 -10.81 12.28 -5.71
N ARG B 54 -9.94 11.74 -4.85
CA ARG B 54 -8.63 11.25 -5.24
C ARG B 54 -8.42 9.85 -4.68
N THR B 55 -7.63 9.05 -5.41
CA THR B 55 -7.28 7.71 -5.01
C THR B 55 -5.77 7.58 -5.12
N LEU B 56 -5.08 7.55 -3.97
CA LEU B 56 -3.63 7.47 -3.93
C LEU B 56 -3.21 6.01 -3.86
N ARG B 57 -2.42 5.57 -4.84
CA ARG B 57 -1.96 4.19 -4.93
C ARG B 57 -0.45 4.17 -5.11
N GLY B 58 0.15 3.03 -4.77
CA GLY B 58 1.59 2.88 -4.84
C GLY B 58 2.12 2.04 -3.70
N HIS B 59 1.41 2.02 -2.57
CA HIS B 59 1.77 1.15 -1.46
C HIS B 59 1.45 -0.30 -1.83
N LEU B 60 2.41 -1.19 -1.58
CA LEU B 60 2.27 -2.60 -1.92
C LEU B 60 1.96 -3.47 -0.71
N ALA B 61 1.61 -2.86 0.42
CA ALA B 61 1.30 -3.62 1.63
C ALA B 61 0.30 -2.81 2.45
N LYS B 62 -0.03 -3.34 3.63
CA LYS B 62 -0.99 -2.67 4.49
C LYS B 62 -0.49 -1.30 4.89
N ILE B 63 -1.37 -0.30 4.77
CA ILE B 63 -1.06 1.06 5.22
C ILE B 63 -1.54 1.18 6.66
N TYR B 64 -0.62 1.50 7.57
CA TYR B 64 -0.92 1.46 9.00
C TYR B 64 -1.11 2.83 9.64
N ALA B 65 -0.53 3.89 9.07
CA ALA B 65 -0.67 5.21 9.67
C ALA B 65 -0.54 6.27 8.58
N MET B 66 -1.08 7.45 8.87
CA MET B 66 -0.98 8.59 7.97
C MET B 66 -1.24 9.85 8.77
N HIS B 67 -0.80 10.98 8.22
CA HIS B 67 -0.96 12.26 8.88
C HIS B 67 -1.01 13.37 7.84
N TRP B 68 -1.76 14.42 8.16
CA TRP B 68 -1.92 15.57 7.29
C TRP B 68 -0.96 16.68 7.70
N GLY B 69 -0.38 17.36 6.71
CA GLY B 69 0.47 18.49 6.99
C GLY B 69 -0.31 19.73 7.36
N THR B 70 0.40 20.70 7.93
CA THR B 70 -0.24 21.96 8.32
C THR B 70 -0.77 22.71 7.10
N ASP B 71 -0.11 22.58 5.96
CA ASP B 71 -0.55 23.25 4.74
C ASP B 71 -1.85 22.68 4.20
N SER B 72 -2.30 21.53 4.70
CA SER B 72 -3.53 20.86 4.29
C SER B 72 -3.46 20.32 2.87
N ARG B 73 -2.27 20.26 2.28
CA ARG B 73 -2.08 19.72 0.93
C ARG B 73 -1.18 18.50 0.90
N LEU B 74 -0.05 18.53 1.61
CA LEU B 74 0.85 17.39 1.64
C LEU B 74 0.36 16.35 2.66
N LEU B 75 0.51 15.08 2.30
CA LEU B 75 0.10 13.98 3.16
C LEU B 75 1.27 13.02 3.31
N VAL B 76 1.32 12.32 4.44
CA VAL B 76 2.35 11.34 4.71
C VAL B 76 1.70 10.01 5.07
N SER B 77 2.20 8.92 4.48
CA SER B 77 1.64 7.60 4.71
C SER B 77 2.76 6.60 4.97
N ALA B 78 2.48 5.65 5.86
CA ALA B 78 3.42 4.59 6.21
C ALA B 78 2.75 3.24 6.05
N SER B 79 3.48 2.29 5.47
CA SER B 79 2.98 0.95 5.22
C SER B 79 4.05 -0.06 5.61
N GLN B 80 3.59 -1.30 5.86
CA GLN B 80 4.50 -2.37 6.23
C GLN B 80 5.42 -2.79 5.08
N ASP B 81 5.14 -2.32 3.86
CA ASP B 81 6.03 -2.64 2.74
C ASP B 81 7.45 -2.19 3.02
N GLY B 82 7.61 -1.08 3.74
CA GLY B 82 8.92 -0.53 4.05
C GLY B 82 9.19 0.83 3.44
N LYS B 83 8.22 1.44 2.78
CA LYS B 83 8.39 2.74 2.14
C LYS B 83 7.41 3.73 2.78
N LEU B 84 7.93 4.89 3.17
CA LEU B 84 7.12 5.98 3.70
C LEU B 84 6.95 7.01 2.58
N ILE B 85 5.72 7.26 2.17
CA ILE B 85 5.43 8.04 0.98
C ILE B 85 4.79 9.35 1.35
N ILE B 86 5.29 10.44 0.78
CA ILE B 86 4.70 11.76 0.91
C ILE B 86 3.95 12.06 -0.38
N TRP B 87 2.64 12.25 -0.27
CA TRP B 87 1.77 12.47 -1.42
C TRP B 87 1.39 13.93 -1.53
N ASP B 88 1.25 14.41 -2.76
CA ASP B 88 0.65 15.71 -3.04
C ASP B 88 -0.84 15.47 -3.30
N SER B 89 -1.67 15.78 -2.30
CA SER B 89 -3.07 15.43 -2.38
C SER B 89 -3.76 16.11 -3.56
N TYR B 90 -3.43 17.38 -3.81
CA TYR B 90 -4.12 18.13 -4.87
C TYR B 90 -3.92 17.47 -6.23
N THR B 91 -2.69 17.06 -6.53
CA THR B 91 -2.35 16.48 -7.84
C THR B 91 -1.97 15.01 -7.73
N THR B 92 -2.32 14.34 -6.63
CA THR B 92 -1.99 12.94 -6.40
C THR B 92 -0.59 12.59 -6.90
N ASN B 93 0.37 13.47 -6.62
CA ASN B 93 1.74 13.31 -7.08
C ASN B 93 2.64 12.98 -5.90
N LYS B 94 3.45 11.94 -6.06
CA LYS B 94 4.39 11.56 -5.01
C LYS B 94 5.51 12.58 -4.89
N VAL B 95 5.82 12.98 -3.67
CA VAL B 95 6.86 13.96 -3.40
C VAL B 95 8.15 13.30 -2.93
N HIS B 96 8.06 12.40 -1.95
CA HIS B 96 9.22 11.70 -1.43
C HIS B 96 8.84 10.25 -1.14
N ALA B 97 9.82 9.36 -1.32
CA ALA B 97 9.68 7.95 -0.99
C ALA B 97 10.88 7.56 -0.13
N ILE B 98 10.67 7.51 1.18
CA ILE B 98 11.74 7.25 2.14
C ILE B 98 11.82 5.73 2.36
N PRO B 99 12.97 5.10 2.11
CA PRO B 99 13.13 3.68 2.45
C PRO B 99 13.39 3.51 3.94
N LEU B 100 12.52 2.78 4.62
CA LEU B 100 12.63 2.62 6.06
C LEU B 100 13.57 1.47 6.41
N ARG B 101 14.42 1.70 7.41
CA ARG B 101 15.35 0.65 7.83
C ARG B 101 14.61 -0.57 8.33
N SER B 102 13.55 -0.37 9.12
CA SER B 102 12.70 -1.45 9.61
C SER B 102 11.32 -1.29 9.00
N SER B 103 10.82 -2.35 8.37
CA SER B 103 9.52 -2.32 7.72
C SER B 103 8.37 -2.52 8.69
N TRP B 104 8.64 -2.85 9.94
CA TRP B 104 7.60 -3.06 10.94
C TRP B 104 7.26 -1.74 11.62
N VAL B 105 6.58 -0.87 10.86
CA VAL B 105 6.18 0.44 11.32
C VAL B 105 4.67 0.48 11.47
N MET B 106 4.19 1.01 12.59
CA MET B 106 2.77 1.08 12.88
C MET B 106 2.26 2.50 13.07
N THR B 107 3.14 3.49 13.15
CA THR B 107 2.72 4.88 13.35
C THR B 107 3.64 5.80 12.56
N CYS B 108 3.11 6.97 12.23
CA CYS B 108 3.87 7.99 11.52
C CYS B 108 3.33 9.36 11.92
N ALA B 109 4.17 10.38 11.73
CA ALA B 109 3.81 11.73 12.11
C ALA B 109 4.44 12.71 11.15
N TYR B 110 3.87 13.91 11.05
CA TYR B 110 4.37 14.98 10.16
C TYR B 110 4.50 16.24 11.00
N ALA B 111 5.68 16.86 11.02
CA ALA B 111 5.94 18.02 11.84
C ALA B 111 5.01 19.18 11.44
N PRO B 112 4.61 20.02 12.39
CA PRO B 112 3.75 21.16 12.03
C PRO B 112 4.36 22.04 10.96
N SER B 113 5.68 22.25 11.00
CA SER B 113 6.36 23.02 9.97
C SER B 113 6.64 22.22 8.71
N GLY B 114 6.50 20.89 8.76
CA GLY B 114 6.76 20.05 7.61
C GLY B 114 8.23 19.73 7.37
N ASN B 115 9.12 20.18 8.25
CA ASN B 115 10.56 19.94 8.04
C ASN B 115 10.95 18.52 8.38
N TYR B 116 10.28 17.89 9.34
CA TYR B 116 10.67 16.58 9.84
C TYR B 116 9.49 15.63 9.80
N VAL B 117 9.78 14.33 9.66
CA VAL B 117 8.77 13.29 9.69
C VAL B 117 9.24 12.17 10.63
N ALA B 118 8.39 11.79 11.57
CA ALA B 118 8.71 10.76 12.54
C ALA B 118 7.90 9.51 12.28
N CYS B 119 8.55 8.35 12.44
CA CYS B 119 7.87 7.07 12.26
C CYS B 119 8.47 6.03 13.18
N GLY B 120 7.67 5.05 13.54
CA GLY B 120 8.13 4.00 14.44
C GLY B 120 7.21 2.81 14.41
N GLY B 121 7.58 1.80 15.18
CA GLY B 121 6.80 0.57 15.26
C GLY B 121 7.39 -0.49 16.16
N LEU B 122 7.41 -1.74 15.69
CA LEU B 122 7.91 -2.83 16.50
C LEU B 122 9.40 -2.76 16.77
N ASP B 123 10.14 -1.90 16.05
CA ASP B 123 11.57 -1.74 16.29
C ASP B 123 11.86 -1.00 17.59
N ASN B 124 10.84 -0.44 18.24
CA ASN B 124 11.00 0.27 19.51
C ASN B 124 11.85 1.54 19.38
N ILE B 125 12.04 2.02 18.15
CA ILE B 125 12.85 3.20 17.89
C ILE B 125 12.04 4.17 17.03
N CYS B 126 12.01 5.44 17.43
CA CYS B 126 11.34 6.48 16.67
C CYS B 126 12.37 7.15 15.78
N SER B 127 12.25 6.96 14.47
CA SER B 127 13.18 7.54 13.51
C SER B 127 12.61 8.85 12.97
N ILE B 128 13.43 9.90 12.98
CA ILE B 128 13.05 11.22 12.50
C ILE B 128 13.86 11.50 11.24
N TYR B 129 13.18 11.89 10.18
CA TYR B 129 13.77 12.14 8.88
C TYR B 129 13.63 13.61 8.52
N ASN B 130 14.71 14.21 8.04
CA ASN B 130 14.73 15.61 7.64
C ASN B 130 14.42 15.70 6.14
N LEU B 131 13.34 16.40 5.81
CA LEU B 131 12.88 16.50 4.42
C LEU B 131 13.46 17.71 3.69
N LYS B 132 14.18 18.59 4.38
CA LYS B 132 14.66 19.84 3.79
C LYS B 132 16.16 19.98 3.97
N THR B 133 16.89 18.90 3.70
CA THR B 133 18.35 18.95 3.71
C THR B 133 18.85 19.56 2.40
N ARG B 134 20.09 20.05 2.44
CA ARG B 134 20.69 20.60 1.23
C ARG B 134 20.80 19.54 0.14
N GLU B 135 21.23 18.33 0.51
CA GLU B 135 21.23 17.22 -0.42
C GLU B 135 19.80 16.81 -0.74
N GLY B 136 19.58 16.42 -2.00
CA GLY B 136 18.23 16.10 -2.46
C GLY B 136 17.78 14.70 -2.14
N ASN B 137 18.05 14.25 -0.91
CA ASN B 137 17.54 12.96 -0.44
C ASN B 137 17.19 13.08 1.03
N VAL B 138 16.28 12.21 1.47
CA VAL B 138 15.82 12.19 2.85
C VAL B 138 16.67 11.20 3.63
N ARG B 139 17.21 11.65 4.76
CA ARG B 139 18.07 10.82 5.60
C ARG B 139 17.64 10.95 7.05
N VAL B 140 17.94 9.92 7.83
CA VAL B 140 17.57 9.91 9.24
C VAL B 140 18.37 10.98 9.98
N SER B 141 17.65 11.85 10.70
CA SER B 141 18.29 12.89 11.50
C SER B 141 18.52 12.45 12.94
N ARG B 142 17.63 11.62 13.49
CA ARG B 142 17.78 11.15 14.86
C ARG B 142 17.00 9.86 15.03
N GLU B 143 17.47 9.03 15.97
CA GLU B 143 16.82 7.77 16.32
C GLU B 143 16.59 7.77 17.83
N LEU B 144 15.35 7.99 18.23
CA LEU B 144 14.97 8.01 19.65
C LEU B 144 14.76 6.57 20.09
N ALA B 145 15.68 6.09 20.93
CA ALA B 145 15.61 4.74 21.48
C ALA B 145 15.56 4.80 22.99
N GLY B 146 14.99 3.75 23.59
CA GLY B 146 14.86 3.68 25.02
C GLY B 146 13.54 3.06 25.46
N HIS B 147 12.57 3.05 24.56
CA HIS B 147 11.26 2.47 24.85
C HIS B 147 11.38 0.95 24.92
N THR B 148 10.77 0.36 25.95
CA THR B 148 10.83 -1.09 26.14
C THR B 148 9.81 -1.84 25.29
N GLY B 149 8.87 -1.14 24.65
CA GLY B 149 7.86 -1.78 23.84
C GLY B 149 7.72 -1.08 22.50
N TYR B 150 6.90 -1.69 21.64
CA TYR B 150 6.66 -1.13 20.31
C TYR B 150 5.98 0.23 20.41
N LEU B 151 6.37 1.13 19.52
CA LEU B 151 5.74 2.45 19.47
C LEU B 151 4.35 2.34 18.85
N SER B 152 3.42 3.14 19.38
CA SER B 152 2.02 3.12 18.94
C SER B 152 1.59 4.42 18.29
N CYS B 153 2.09 5.56 18.76
CA CYS B 153 1.71 6.85 18.20
C CYS B 153 2.89 7.80 18.29
N CYS B 154 2.92 8.76 17.36
CA CYS B 154 3.94 9.80 17.34
C CYS B 154 3.28 11.14 17.02
N ARG B 155 3.67 12.18 17.74
CA ARG B 155 3.12 13.51 17.53
C ARG B 155 4.21 14.54 17.81
N PHE B 156 4.35 15.51 16.91
CA PHE B 156 5.37 16.54 17.03
C PHE B 156 4.82 17.72 17.82
N LEU B 157 5.44 18.04 18.96
CA LEU B 157 5.09 19.27 19.65
C LEU B 157 5.67 20.49 18.93
N ASP B 158 6.90 20.37 18.44
CA ASP B 158 7.54 21.42 17.67
C ASP B 158 8.66 20.78 16.86
N ASP B 159 9.53 21.61 16.28
CA ASP B 159 10.65 21.09 15.49
C ASP B 159 11.68 20.36 16.34
N ASN B 160 11.62 20.49 17.67
CA ASN B 160 12.63 19.90 18.55
C ASN B 160 12.07 18.98 19.63
N GLN B 161 10.78 19.06 19.94
CA GLN B 161 10.15 18.25 20.98
C GLN B 161 9.14 17.30 20.35
N ILE B 162 9.19 16.03 20.73
CA ILE B 162 8.28 15.03 20.20
C ILE B 162 7.79 14.13 21.32
N VAL B 163 6.48 13.87 21.37
CA VAL B 163 5.88 13.01 22.36
C VAL B 163 5.50 11.70 21.69
N THR B 164 5.91 10.58 22.29
CA THR B 164 5.67 9.26 21.73
C THR B 164 5.18 8.32 22.81
N SER B 165 4.24 7.45 22.42
CA SER B 165 3.70 6.42 23.29
C SER B 165 4.15 5.05 22.79
N SER B 166 4.44 4.15 23.74
CA SER B 166 4.98 2.84 23.42
C SER B 166 4.14 1.77 24.09
N GLY B 167 4.49 0.50 23.79
CA GLY B 167 3.79 -0.63 24.35
C GLY B 167 4.18 -0.97 25.77
N ASP B 168 5.14 -0.26 26.35
CA ASP B 168 5.56 -0.48 27.73
C ASP B 168 4.66 0.22 28.74
N THR B 169 3.46 0.65 28.33
CA THR B 169 2.49 1.29 29.21
C THR B 169 3.00 2.63 29.74
N THR B 170 3.87 3.30 28.99
CA THR B 170 4.36 4.62 29.36
C THR B 170 4.51 5.48 28.11
N CYS B 171 4.41 6.79 28.30
CA CYS B 171 4.66 7.76 27.23
C CYS B 171 5.94 8.52 27.55
N ALA B 172 6.44 9.28 26.59
CA ALA B 172 7.69 9.99 26.78
C ALA B 172 7.77 11.21 25.88
N LEU B 173 8.25 12.30 26.46
CA LEU B 173 8.55 13.53 25.73
C LEU B 173 10.06 13.60 25.53
N TRP B 174 10.48 13.64 24.27
CA TRP B 174 11.88 13.61 23.86
C TRP B 174 12.28 14.95 23.26
N ASP B 175 13.51 15.36 23.56
CA ASP B 175 14.15 16.48 22.90
C ASP B 175 14.93 15.92 21.70
N ILE B 176 14.54 16.32 20.49
CA ILE B 176 15.12 15.73 19.29
C ILE B 176 16.61 16.05 19.20
N GLU B 177 16.99 17.29 19.53
CA GLU B 177 18.39 17.68 19.36
C GLU B 177 19.31 16.82 20.20
N THR B 178 18.94 16.54 21.45
CA THR B 178 19.76 15.73 22.33
C THR B 178 19.43 14.24 22.25
N GLY B 179 18.22 13.88 21.83
CA GLY B 179 17.84 12.48 21.77
C GLY B 179 17.66 11.83 23.11
N GLN B 180 17.39 12.61 24.14
CA GLN B 180 17.21 12.11 25.50
C GLN B 180 15.78 12.35 25.94
N GLN B 181 15.22 11.40 26.69
CA GLN B 181 13.86 11.51 27.18
C GLN B 181 13.78 12.66 28.17
N THR B 182 13.22 13.79 27.73
CA THR B 182 13.07 14.93 28.62
C THR B 182 12.09 14.62 29.75
N THR B 183 10.99 13.93 29.44
CA THR B 183 10.01 13.57 30.45
C THR B 183 9.48 12.17 30.18
N THR B 184 9.11 11.46 31.25
CA THR B 184 8.50 10.14 31.16
C THR B 184 7.16 10.16 31.89
N PHE B 185 6.12 9.71 31.20
CA PHE B 185 4.77 9.66 31.74
C PHE B 185 4.42 8.21 32.08
N THR B 186 4.10 7.96 33.34
CA THR B 186 3.77 6.63 33.82
C THR B 186 2.45 6.70 34.60
N GLY B 187 1.78 5.55 34.67
CA GLY B 187 0.51 5.47 35.37
C GLY B 187 -0.47 4.55 34.69
N HIS B 188 -0.26 4.29 33.40
CA HIS B 188 -1.11 3.38 32.65
C HIS B 188 -0.74 1.95 32.99
N THR B 189 -1.73 1.16 33.43
CA THR B 189 -1.51 -0.24 33.75
C THR B 189 -1.56 -1.14 32.52
N GLY B 190 -1.88 -0.59 31.35
CA GLY B 190 -1.94 -1.37 30.13
C GLY B 190 -1.22 -0.67 28.99
N ASP B 191 -1.15 -1.37 27.86
CA ASP B 191 -0.48 -0.85 26.69
C ASP B 191 -1.18 0.41 26.20
N VAL B 192 -0.38 1.42 25.84
CA VAL B 192 -0.90 2.67 25.30
C VAL B 192 -1.00 2.55 23.78
N MET B 193 -2.15 2.95 23.23
CA MET B 193 -2.43 2.70 21.82
C MET B 193 -2.49 3.96 20.97
N SER B 194 -2.73 5.14 21.55
CA SER B 194 -2.91 6.33 20.74
C SER B 194 -2.57 7.57 21.57
N LEU B 195 -2.33 8.66 20.86
CA LEU B 195 -2.04 9.96 21.45
C LEU B 195 -2.80 11.04 20.71
N SER B 196 -3.01 12.17 21.38
CA SER B 196 -3.70 13.31 20.79
C SER B 196 -3.28 14.58 21.51
N LEU B 197 -2.58 15.46 20.80
CA LEU B 197 -2.18 16.74 21.37
C LEU B 197 -3.38 17.67 21.46
N ALA B 198 -3.46 18.42 22.55
CA ALA B 198 -4.47 19.45 22.67
C ALA B 198 -4.13 20.62 21.74
N PRO B 199 -5.13 21.38 21.29
CA PRO B 199 -4.83 22.51 20.40
C PRO B 199 -3.85 23.50 21.02
N ASP B 200 -3.91 23.70 22.34
CA ASP B 200 -2.96 24.58 23.02
C ASP B 200 -1.56 24.02 23.04
N THR B 201 -1.37 22.74 22.74
CA THR B 201 -0.08 22.05 22.68
C THR B 201 0.51 21.79 24.06
N ARG B 202 -0.12 22.30 25.13
CA ARG B 202 0.41 22.11 26.48
C ARG B 202 -0.04 20.80 27.11
N LEU B 203 -1.22 20.31 26.74
CA LEU B 203 -1.79 19.09 27.31
C LEU B 203 -1.95 18.03 26.23
N PHE B 204 -1.98 16.78 26.67
CA PHE B 204 -2.28 15.67 25.77
C PHE B 204 -2.97 14.57 26.57
N VAL B 205 -3.63 13.67 25.84
CA VAL B 205 -4.39 12.59 26.42
C VAL B 205 -4.03 11.29 25.69
N SER B 206 -3.81 10.22 26.45
CA SER B 206 -3.40 8.94 25.91
C SER B 206 -4.36 7.85 26.35
N GLY B 207 -4.84 7.07 25.39
CA GLY B 207 -5.70 5.93 25.66
C GLY B 207 -4.89 4.65 25.70
N ALA B 208 -5.29 3.73 26.58
CA ALA B 208 -4.54 2.50 26.79
C ALA B 208 -5.46 1.29 26.70
N CYS B 209 -4.86 0.12 26.56
CA CYS B 209 -5.60 -1.13 26.45
C CYS B 209 -6.30 -1.50 27.75
N ASP B 210 -5.99 -0.83 28.86
CA ASP B 210 -6.68 -1.07 30.13
C ASP B 210 -8.08 -0.48 30.15
N ALA B 211 -8.60 -0.04 29.01
CA ALA B 211 -9.95 0.53 28.91
C ALA B 211 -10.04 1.86 29.65
N SER B 212 -9.01 2.70 29.49
CA SER B 212 -9.00 3.99 30.15
C SER B 212 -8.12 4.96 29.37
N ALA B 213 -8.44 6.25 29.52
CA ALA B 213 -7.64 7.34 28.96
C ALA B 213 -7.11 8.19 30.10
N LYS B 214 -5.96 8.81 29.88
CA LYS B 214 -5.32 9.64 30.89
C LYS B 214 -4.88 10.95 30.27
N LEU B 215 -5.28 12.07 30.89
CA LEU B 215 -4.86 13.39 30.48
C LEU B 215 -3.68 13.83 31.33
N TRP B 216 -2.56 14.14 30.68
CA TRP B 216 -1.30 14.45 31.34
C TRP B 216 -0.97 15.93 31.15
N ASP B 217 0.09 16.36 31.83
CA ASP B 217 0.63 17.70 31.69
C ASP B 217 2.04 17.61 31.12
N VAL B 218 2.29 18.31 30.02
CA VAL B 218 3.58 18.22 29.34
C VAL B 218 4.68 18.80 30.22
N ARG B 219 4.46 20.01 30.74
CA ARG B 219 5.50 20.69 31.50
C ARG B 219 5.77 19.98 32.82
N GLU B 220 4.73 19.65 33.57
CA GLU B 220 4.87 19.07 34.89
C GLU B 220 5.08 17.56 34.87
N GLY B 221 4.89 16.91 33.72
CA GLY B 221 5.16 15.48 33.62
C GLY B 221 4.33 14.65 34.57
N MET B 222 3.02 14.93 34.64
CA MET B 222 2.14 14.32 35.61
C MET B 222 0.78 14.07 34.98
N CYS B 223 0.08 13.07 35.51
CA CYS B 223 -1.25 12.72 35.05
C CYS B 223 -2.28 13.59 35.76
N ARG B 224 -2.87 14.53 35.03
CA ARG B 224 -3.87 15.42 35.61
C ARG B 224 -5.22 14.75 35.82
N GLN B 225 -5.64 13.89 34.89
CA GLN B 225 -6.98 13.31 34.99
C GLN B 225 -6.98 11.91 34.38
N THR B 226 -8.00 11.14 34.77
CA THR B 226 -8.25 9.81 34.21
C THR B 226 -9.72 9.69 33.84
N PHE B 227 -9.99 8.97 32.76
CA PHE B 227 -11.35 8.75 32.28
C PHE B 227 -11.55 7.27 31.97
N THR B 228 -12.67 6.73 32.43
CA THR B 228 -13.02 5.33 32.21
C THR B 228 -14.42 5.25 31.63
N GLY B 229 -14.82 4.04 31.26
CA GLY B 229 -16.14 3.81 30.70
C GLY B 229 -16.12 2.80 29.57
N HIS B 230 -14.95 2.60 28.97
CA HIS B 230 -14.81 1.60 27.93
C HIS B 230 -14.67 0.21 28.56
N GLU B 231 -14.99 -0.81 27.77
CA GLU B 231 -15.09 -2.19 28.27
C GLU B 231 -13.83 -3.01 28.01
N SER B 232 -13.31 -2.99 26.79
CA SER B 232 -12.27 -3.93 26.38
C SER B 232 -10.93 -3.25 26.12
N ASP B 233 -10.89 -2.26 25.21
CA ASP B 233 -9.61 -1.71 24.78
C ASP B 233 -9.80 -0.47 23.93
N ILE B 234 -9.06 0.59 24.24
CA ILE B 234 -9.14 1.84 23.49
C ILE B 234 -8.05 1.82 22.43
N ASN B 235 -8.45 2.02 21.16
CA ASN B 235 -7.49 1.98 20.05
C ASN B 235 -7.19 3.37 19.52
N ALA B 236 -8.14 4.29 19.58
CA ALA B 236 -7.99 5.61 18.99
C ALA B 236 -8.46 6.68 19.96
N ILE B 237 -7.93 7.89 19.80
CA ILE B 237 -8.28 9.02 20.64
C ILE B 237 -7.99 10.30 19.87
N CYS B 238 -8.82 11.31 20.09
CA CYS B 238 -8.70 12.56 19.36
C CYS B 238 -9.32 13.69 20.19
N PHE B 239 -8.66 14.85 20.19
CA PHE B 239 -9.19 16.00 20.93
C PHE B 239 -10.27 16.71 20.14
N PHE B 240 -11.31 17.15 20.84
CA PHE B 240 -12.31 18.00 20.23
C PHE B 240 -11.69 19.35 19.88
N PRO B 241 -12.09 19.99 18.76
CA PRO B 241 -11.39 21.21 18.33
C PRO B 241 -11.32 22.29 19.40
N ASN B 242 -12.37 22.48 20.19
CA ASN B 242 -12.33 23.48 21.25
C ASN B 242 -11.25 23.16 22.28
N GLY B 243 -10.88 21.88 22.43
CA GLY B 243 -9.81 21.48 23.32
C GLY B 243 -10.24 21.05 24.70
N ASN B 244 -11.52 21.24 25.06
CA ASN B 244 -12.01 20.84 26.37
C ASN B 244 -12.65 19.45 26.37
N ALA B 245 -12.62 18.74 25.25
CA ALA B 245 -13.22 17.42 25.14
C ALA B 245 -12.45 16.58 24.14
N PHE B 246 -12.61 15.27 24.24
CA PHE B 246 -11.94 14.34 23.34
C PHE B 246 -12.79 13.10 23.15
N ALA B 247 -12.68 12.49 21.97
CA ALA B 247 -13.40 11.28 21.64
C ALA B 247 -12.46 10.07 21.70
N THR B 248 -13.03 8.93 22.07
CA THR B 248 -12.27 7.69 22.21
C THR B 248 -13.01 6.56 21.50
N GLY B 249 -12.28 5.82 20.67
CA GLY B 249 -12.81 4.63 20.04
C GLY B 249 -12.20 3.39 20.65
N SER B 250 -12.99 2.34 20.82
CA SER B 250 -12.55 1.15 21.55
C SER B 250 -12.96 -0.11 20.79
N ASP B 251 -12.42 -1.24 21.24
CA ASP B 251 -12.79 -2.54 20.70
C ASP B 251 -14.24 -2.90 21.00
N ASP B 252 -14.89 -2.19 21.92
CA ASP B 252 -16.29 -2.43 22.25
C ASP B 252 -17.25 -2.04 21.12
N ALA B 253 -16.73 -1.56 19.99
CA ALA B 253 -17.54 -1.14 18.85
C ALA B 253 -18.37 0.10 19.15
N THR B 254 -17.95 0.90 20.13
CA THR B 254 -18.65 2.12 20.48
C THR B 254 -17.63 3.22 20.72
N CYS B 255 -18.03 4.45 20.42
CA CYS B 255 -17.21 5.64 20.68
C CYS B 255 -17.77 6.38 21.88
N ARG B 256 -16.90 7.07 22.60
CA ARG B 256 -17.30 7.80 23.80
C ARG B 256 -16.66 9.18 23.82
N LEU B 257 -17.46 10.19 24.12
CA LEU B 257 -16.99 11.57 24.23
C LEU B 257 -16.82 11.94 25.69
N PHE B 258 -15.63 12.40 26.05
CA PHE B 258 -15.30 12.80 27.42
C PHE B 258 -14.96 14.28 27.42
N ASP B 259 -15.31 14.96 28.52
CA ASP B 259 -15.01 16.37 28.71
C ASP B 259 -14.09 16.52 29.91
N LEU B 260 -12.98 17.24 29.71
CA LEU B 260 -12.02 17.42 30.80
C LEU B 260 -12.63 18.16 31.96
N ARG B 261 -13.38 19.23 31.68
CA ARG B 261 -14.00 20.01 32.76
C ARG B 261 -15.07 19.20 33.48
N ALA B 262 -15.88 18.45 32.73
CA ALA B 262 -16.91 17.62 33.37
C ALA B 262 -16.30 16.43 34.10
N ASP B 263 -15.18 15.90 33.61
CA ASP B 263 -14.49 14.79 34.25
C ASP B 263 -15.34 13.52 34.22
N GLN B 264 -16.06 13.31 33.12
CA GLN B 264 -16.88 12.12 32.96
C GLN B 264 -17.33 12.04 31.51
N GLU B 265 -17.87 10.89 31.14
CA GLU B 265 -18.35 10.67 29.79
C GLU B 265 -19.54 11.58 29.49
N LEU B 266 -19.62 12.04 28.25
CA LEU B 266 -20.69 12.93 27.81
C LEU B 266 -21.69 12.21 26.91
N MET B 267 -21.24 11.57 25.84
CA MET B 267 -22.12 10.92 24.88
C MET B 267 -21.48 9.62 24.44
N THR B 268 -22.33 8.65 24.09
CA THR B 268 -21.90 7.35 23.60
C THR B 268 -22.51 7.11 22.22
N TYR B 269 -21.66 6.72 21.27
CA TYR B 269 -22.08 6.45 19.90
C TYR B 269 -21.96 4.95 19.65
N SER B 270 -23.08 4.32 19.31
CA SER B 270 -23.10 2.89 19.05
C SER B 270 -24.32 2.56 18.21
N HIS B 271 -24.26 1.41 17.55
CA HIS B 271 -25.37 0.94 16.73
C HIS B 271 -25.34 -0.59 16.69
N ASP B 272 -26.53 -1.19 16.57
CA ASP B 272 -26.63 -2.64 16.54
C ASP B 272 -25.98 -3.24 15.29
N ASN B 273 -25.80 -2.44 14.24
CA ASN B 273 -25.24 -2.95 13.00
C ASN B 273 -23.72 -3.03 13.02
N ILE B 274 -23.07 -2.50 14.06
CA ILE B 274 -21.62 -2.52 14.18
C ILE B 274 -21.26 -3.38 15.39
N ILE B 275 -20.42 -4.39 15.16
CA ILE B 275 -19.99 -5.30 16.22
C ILE B 275 -18.47 -5.43 16.20
N CYS B 276 -17.81 -4.48 15.54
CA CYS B 276 -16.35 -4.48 15.40
C CYS B 276 -15.77 -3.22 16.03
N GLY B 277 -14.50 -3.33 16.43
CA GLY B 277 -13.87 -2.25 17.15
C GLY B 277 -13.58 -1.04 16.27
N ILE B 278 -13.24 0.06 16.94
CA ILE B 278 -12.91 1.31 16.27
C ILE B 278 -11.40 1.36 16.04
N THR B 279 -11.00 1.69 14.81
CA THR B 279 -9.59 1.76 14.46
C THR B 279 -9.03 3.18 14.54
N SER B 280 -9.82 4.18 14.18
CA SER B 280 -9.35 5.57 14.19
C SER B 280 -10.52 6.49 14.47
N VAL B 281 -10.20 7.70 14.90
CA VAL B 281 -11.21 8.70 15.26
C VAL B 281 -10.67 10.08 14.90
N SER B 282 -11.57 10.96 14.46
CA SER B 282 -11.20 12.33 14.16
C SER B 282 -12.46 13.15 13.99
N PHE B 283 -12.35 14.44 14.33
CA PHE B 283 -13.44 15.40 14.20
C PHE B 283 -13.26 16.26 12.96
N SER B 284 -14.34 16.96 12.60
CA SER B 284 -14.24 18.01 11.60
C SER B 284 -13.74 19.30 12.25
N LYS B 285 -13.55 20.33 11.44
CA LYS B 285 -13.02 21.58 11.96
C LYS B 285 -13.96 22.20 12.99
N SER B 286 -15.27 22.17 12.74
CA SER B 286 -16.24 22.70 13.70
C SER B 286 -16.57 21.71 14.82
N GLY B 287 -16.18 20.44 14.68
CA GLY B 287 -16.45 19.44 15.68
C GLY B 287 -17.84 18.85 15.66
N ARG B 288 -18.68 19.26 14.71
CA ARG B 288 -20.04 18.71 14.64
C ARG B 288 -20.04 17.27 14.18
N LEU B 289 -19.10 16.89 13.32
CA LEU B 289 -19.02 15.54 12.76
C LEU B 289 -17.88 14.79 13.43
N LEU B 290 -18.17 13.57 13.89
CA LEU B 290 -17.18 12.69 14.49
C LEU B 290 -17.01 11.50 13.54
N LEU B 291 -15.88 11.45 12.85
CA LEU B 291 -15.62 10.40 11.86
C LEU B 291 -14.78 9.31 12.51
N ALA B 292 -15.29 8.08 12.49
CA ALA B 292 -14.62 6.95 13.13
C ALA B 292 -14.47 5.82 12.12
N GLY B 293 -13.25 5.32 11.98
CA GLY B 293 -13.03 4.16 11.13
C GLY B 293 -13.35 2.87 11.86
N TYR B 294 -13.98 1.94 11.12
CA TYR B 294 -14.44 0.69 11.69
C TYR B 294 -13.76 -0.48 10.99
N ASP B 295 -13.63 -1.59 11.72
CA ASP B 295 -13.02 -2.79 11.18
C ASP B 295 -13.87 -3.45 10.10
N ASP B 296 -15.13 -3.03 9.94
CA ASP B 296 -16.01 -3.61 8.94
C ASP B 296 -15.88 -2.92 7.58
N PHE B 297 -14.64 -2.78 7.13
CA PHE B 297 -14.32 -2.35 5.77
C PHE B 297 -14.93 -0.99 5.41
N ASN B 298 -15.29 -0.17 6.39
CA ASN B 298 -15.87 1.13 6.09
C ASN B 298 -15.73 2.06 7.29
N CYS B 299 -15.93 3.35 7.03
CA CYS B 299 -15.88 4.40 8.04
C CYS B 299 -17.28 4.95 8.25
N ASN B 300 -17.52 5.51 9.44
CA ASN B 300 -18.83 6.06 9.78
C ASN B 300 -18.68 7.51 10.26
N VAL B 301 -19.74 8.28 10.08
CA VAL B 301 -19.81 9.66 10.53
C VAL B 301 -20.96 9.78 11.52
N TRP B 302 -20.67 10.34 12.69
CA TRP B 302 -21.64 10.47 13.76
C TRP B 302 -21.88 11.94 14.05
N ASP B 303 -23.11 12.27 14.42
CA ASP B 303 -23.43 13.63 14.87
C ASP B 303 -22.86 13.82 16.26
N ALA B 304 -21.81 14.64 16.38
CA ALA B 304 -21.13 14.80 17.66
C ALA B 304 -22.07 15.31 18.74
N LEU B 305 -23.17 15.97 18.35
CA LEU B 305 -24.11 16.50 19.32
C LEU B 305 -25.32 15.59 19.53
N LYS B 306 -25.82 14.96 18.47
CA LYS B 306 -27.00 14.11 18.57
C LYS B 306 -26.70 12.62 18.44
N ALA B 307 -25.46 12.26 18.10
CA ALA B 307 -25.03 10.86 18.01
C ALA B 307 -25.79 10.09 16.93
N ASP B 308 -26.33 10.79 15.93
CA ASP B 308 -26.99 10.14 14.81
C ASP B 308 -25.97 9.81 13.72
N ARG B 309 -26.15 8.65 13.09
CA ARG B 309 -25.23 8.22 12.04
C ARG B 309 -25.49 9.00 10.76
N ALA B 310 -24.76 10.10 10.57
CA ALA B 310 -25.02 10.98 9.44
C ALA B 310 -24.74 10.30 8.11
N GLY B 311 -23.63 9.57 8.02
CA GLY B 311 -23.27 8.94 6.74
C GLY B 311 -22.23 7.87 6.91
N VAL B 312 -21.95 7.19 5.80
CA VAL B 312 -21.00 6.09 5.76
C VAL B 312 -20.05 6.31 4.60
N LEU B 313 -18.75 6.19 4.87
CA LEU B 313 -17.70 6.27 3.86
C LEU B 313 -17.18 4.84 3.65
N ALA B 314 -17.81 4.12 2.73
CA ALA B 314 -17.50 2.72 2.47
C ALA B 314 -16.94 2.61 1.04
N GLY B 315 -15.61 2.64 0.94
CA GLY B 315 -14.97 2.48 -0.36
C GLY B 315 -13.67 1.70 -0.27
N HIS B 316 -13.46 0.98 0.82
CA HIS B 316 -12.24 0.24 1.07
C HIS B 316 -12.54 -1.26 1.08
N ASP B 317 -11.69 -2.03 0.39
CA ASP B 317 -11.84 -3.47 0.36
C ASP B 317 -11.43 -4.15 1.66
N ASN B 318 -10.72 -3.45 2.53
CA ASN B 318 -10.27 -3.98 3.81
C ASN B 318 -10.59 -2.97 4.91
N ARG B 319 -10.25 -3.34 6.14
CA ARG B 319 -10.55 -2.48 7.28
C ARG B 319 -9.81 -1.15 7.16
N VAL B 320 -10.47 -0.08 7.59
CA VAL B 320 -9.88 1.26 7.57
C VAL B 320 -8.92 1.34 8.75
N SER B 321 -7.62 1.47 8.45
CA SER B 321 -6.59 1.49 9.48
C SER B 321 -6.29 2.88 10.01
N CYS B 322 -6.46 3.91 9.19
CA CYS B 322 -6.11 5.26 9.61
C CYS B 322 -7.08 6.26 9.00
N LEU B 323 -7.38 7.30 9.76
CA LEU B 323 -8.27 8.37 9.34
C LEU B 323 -7.64 9.70 9.69
N GLY B 324 -7.84 10.70 8.83
CA GLY B 324 -7.32 12.02 9.08
C GLY B 324 -8.11 13.12 8.41
N VAL B 325 -8.21 14.28 9.06
CA VAL B 325 -8.93 15.43 8.50
C VAL B 325 -7.95 16.58 8.36
N THR B 326 -7.98 17.22 7.19
CA THR B 326 -7.09 18.33 6.93
C THR B 326 -7.25 19.41 7.99
N ASP B 327 -6.16 20.16 8.24
CA ASP B 327 -6.20 21.21 9.23
C ASP B 327 -7.30 22.21 8.95
N ASP B 328 -7.58 22.48 7.68
CA ASP B 328 -8.67 23.37 7.28
C ASP B 328 -10.00 22.64 7.14
N GLY B 329 -10.03 21.32 7.23
CA GLY B 329 -11.27 20.58 7.14
C GLY B 329 -11.85 20.43 5.74
N MET B 330 -11.07 20.74 4.71
CA MET B 330 -11.59 20.69 3.35
C MET B 330 -11.98 19.27 2.95
N ALA B 331 -11.15 18.28 3.31
CA ALA B 331 -11.40 16.90 2.90
C ALA B 331 -10.88 15.97 3.99
N VAL B 332 -11.31 14.70 3.91
CA VAL B 332 -10.95 13.69 4.90
C VAL B 332 -10.34 12.49 4.20
N ALA B 333 -9.15 12.09 4.63
CA ALA B 333 -8.42 11.00 4.01
C ALA B 333 -8.51 9.74 4.87
N THR B 334 -8.63 8.59 4.20
CA THR B 334 -8.75 7.29 4.84
C THR B 334 -7.77 6.31 4.21
N GLY B 335 -7.06 5.57 5.05
CA GLY B 335 -6.14 4.54 4.61
C GLY B 335 -6.51 3.20 5.21
N SER B 336 -6.48 2.16 4.38
CA SER B 336 -6.91 0.84 4.79
C SER B 336 -5.80 -0.17 4.51
N TRP B 337 -6.02 -1.40 4.99
CA TRP B 337 -5.04 -2.46 4.85
C TRP B 337 -4.87 -2.92 3.40
N ASP B 338 -5.77 -2.53 2.49
CA ASP B 338 -5.66 -2.91 1.10
C ASP B 338 -4.64 -2.06 0.34
N SER B 339 -3.93 -1.16 1.03
CA SER B 339 -2.82 -0.42 0.42
C SER B 339 -3.29 0.68 -0.51
N PHE B 340 -4.51 1.18 -0.31
CA PHE B 340 -5.04 2.30 -1.07
C PHE B 340 -5.49 3.39 -0.12
N LEU B 341 -5.06 4.62 -0.39
CA LEU B 341 -5.46 5.79 0.37
C LEU B 341 -6.44 6.62 -0.45
N LYS B 342 -7.58 6.95 0.14
CA LYS B 342 -8.64 7.65 -0.57
C LYS B 342 -9.01 8.92 0.17
N ILE B 343 -9.07 10.03 -0.55
CA ILE B 343 -9.47 11.32 -0.01
C ILE B 343 -10.92 11.58 -0.42
N TRP B 344 -11.77 11.82 0.57
CA TRP B 344 -13.21 12.01 0.37
C TRP B 344 -13.56 13.47 0.66
N ASN B 345 -14.47 13.99 -0.15
CA ASN B 345 -14.98 15.34 0.03
C ASN B 345 -16.46 15.37 -0.28
N GLY B 346 -17.16 16.36 0.28
CA GLY B 346 -18.57 16.51 0.06
C GLY B 346 -18.90 17.26 -1.22
N SER B 347 -20.19 17.35 -1.50
CA SER B 347 -20.69 18.06 -2.67
C SER B 347 -21.93 18.85 -2.28
N SER B 348 -22.14 19.97 -2.98
CA SER B 348 -23.29 20.83 -2.72
C SER B 348 -24.59 20.14 -3.14
N ILE C 8 4.68 -1.64 49.16
CA ILE C 8 3.48 -0.77 49.29
C ILE C 8 3.70 0.56 48.59
N ALA C 9 4.83 0.69 47.89
CA ALA C 9 5.11 1.93 47.17
C ALA C 9 4.08 2.18 46.08
N GLN C 10 3.70 1.14 45.35
CA GLN C 10 2.70 1.30 44.30
C GLN C 10 1.36 1.73 44.88
N ALA C 11 0.97 1.15 46.02
CA ALA C 11 -0.27 1.56 46.67
C ALA C 11 -0.21 3.02 47.12
N ARG C 12 0.94 3.43 47.67
CA ARG C 12 1.10 4.82 48.09
C ARG C 12 0.98 5.75 46.89
N LYS C 13 1.61 5.40 45.78
CA LYS C 13 1.51 6.23 44.57
C LYS C 13 0.07 6.30 44.08
N LEU C 14 -0.63 5.16 44.10
CA LEU C 14 -2.02 5.16 43.64
C LEU C 14 -2.89 6.06 44.51
N VAL C 15 -2.74 5.97 45.84
CA VAL C 15 -3.59 6.78 46.71
C VAL C 15 -3.24 8.25 46.56
N GLU C 16 -1.95 8.57 46.42
CA GLU C 16 -1.56 9.97 46.23
C GLU C 16 -2.15 10.53 44.94
N GLN C 17 -2.06 9.76 43.85
CA GLN C 17 -2.62 10.21 42.59
C GLN C 17 -4.14 10.39 42.70
N LEU C 18 -4.82 9.46 43.38
CA LEU C 18 -6.26 9.58 43.53
C LEU C 18 -6.64 10.82 44.34
N LYS C 19 -5.95 11.06 45.45
CA LYS C 19 -6.23 12.26 46.25
C LYS C 19 -5.98 13.53 45.44
N MET C 20 -4.86 13.57 44.71
CA MET C 20 -4.56 14.73 43.88
C MET C 20 -5.62 14.96 42.81
N GLU C 21 -6.07 13.90 42.14
CA GLU C 21 -7.03 14.07 41.06
C GLU C 21 -8.42 14.41 41.58
N ALA C 22 -8.80 13.89 42.75
CA ALA C 22 -10.15 14.11 43.26
C ALA C 22 -10.40 15.57 43.63
N ASN C 23 -9.36 16.39 43.72
CA ASN C 23 -9.50 17.77 44.17
C ASN C 23 -9.74 18.76 43.03
N ILE C 24 -9.84 18.29 41.79
CA ILE C 24 -10.08 19.19 40.67
C ILE C 24 -11.48 19.78 40.78
N ASP C 25 -11.62 21.04 40.38
CA ASP C 25 -12.91 21.74 40.43
C ASP C 25 -13.68 21.41 39.15
N ARG C 26 -14.25 20.21 39.14
CA ARG C 26 -15.02 19.77 37.97
C ARG C 26 -16.25 20.64 37.79
N ILE C 27 -16.60 20.89 36.52
CA ILE C 27 -17.74 21.73 36.18
C ILE C 27 -18.94 20.84 35.90
N LYS C 28 -20.13 21.37 36.15
CA LYS C 28 -21.36 20.61 35.92
C LYS C 28 -21.44 20.18 34.46
N VAL C 29 -21.97 18.98 34.25
CA VAL C 29 -22.05 18.43 32.90
C VAL C 29 -22.92 19.33 32.01
N SER C 30 -24.00 19.88 32.58
CA SER C 30 -24.88 20.72 31.79
C SER C 30 -24.15 21.94 31.24
N LYS C 31 -23.34 22.60 32.08
CA LYS C 31 -22.61 23.77 31.61
C LYS C 31 -21.60 23.41 30.54
N ALA C 32 -20.86 22.32 30.73
CA ALA C 32 -19.89 21.91 29.71
C ALA C 32 -20.59 21.61 28.39
N ALA C 33 -21.72 20.92 28.44
CA ALA C 33 -22.49 20.64 27.23
C ALA C 33 -22.97 21.93 26.59
N ALA C 34 -23.40 22.91 27.40
CA ALA C 34 -23.89 24.16 26.85
C ALA C 34 -22.79 24.90 26.10
N ASP C 35 -21.60 25.01 26.71
CA ASP C 35 -20.49 25.68 26.02
C ASP C 35 -20.05 24.90 24.78
N LEU C 36 -20.02 23.57 24.85
CA LEU C 36 -19.65 22.79 23.66
C LEU C 36 -20.65 23.03 22.53
N MET C 37 -21.94 23.04 22.86
CA MET C 37 -22.97 23.30 21.85
C MET C 37 -22.82 24.69 21.27
N ALA C 38 -22.55 25.69 22.11
CA ALA C 38 -22.38 27.05 21.63
C ALA C 38 -21.19 27.14 20.67
N TYR C 39 -20.08 26.52 21.04
CA TYR C 39 -18.90 26.54 20.19
C TYR C 39 -19.19 25.85 18.85
N CYS C 40 -19.86 24.69 18.90
CA CYS C 40 -20.18 23.98 17.66
C CYS C 40 -21.09 24.82 16.77
N GLU C 41 -22.11 25.46 17.35
CA GLU C 41 -23.00 26.29 16.56
C GLU C 41 -22.25 27.47 15.95
N ALA C 42 -21.36 28.09 16.73
CA ALA C 42 -20.62 29.23 16.22
C ALA C 42 -19.70 28.84 15.07
N HIS C 43 -19.04 27.68 15.18
CA HIS C 43 -18.04 27.28 14.20
C HIS C 43 -18.59 26.41 13.08
N ALA C 44 -19.89 26.08 13.11
CA ALA C 44 -20.46 25.26 12.05
C ALA C 44 -20.32 25.92 10.68
N LYS C 45 -20.48 27.25 10.63
CA LYS C 45 -20.45 27.94 9.35
C LYS C 45 -19.11 27.75 8.63
N GLU C 46 -18.03 27.52 9.39
CA GLU C 46 -16.70 27.34 8.83
C GLU C 46 -16.30 25.88 8.72
N ASP C 47 -17.26 25.00 8.42
CA ASP C 47 -17.01 23.57 8.30
C ASP C 47 -17.28 23.12 6.87
N PRO C 48 -16.25 22.95 6.03
CA PRO C 48 -16.51 22.47 4.67
C PRO C 48 -17.22 21.12 4.61
N LEU C 49 -16.89 20.21 5.53
CA LEU C 49 -17.52 18.89 5.52
C LEU C 49 -19.00 18.99 5.88
N LEU C 50 -19.32 19.70 6.96
CA LEU C 50 -20.72 19.86 7.34
C LEU C 50 -21.50 20.64 6.29
N THR C 51 -20.91 21.71 5.76
CA THR C 51 -21.52 22.52 4.71
C THR C 51 -20.62 22.46 3.48
N PRO C 52 -20.92 21.62 2.49
CA PRO C 52 -20.05 21.53 1.32
C PRO C 52 -19.87 22.87 0.63
N VAL C 53 -18.64 23.15 0.22
CA VAL C 53 -18.30 24.40 -0.44
C VAL C 53 -18.55 24.24 -1.94
N PRO C 54 -18.73 25.33 -2.69
CA PRO C 54 -18.93 25.20 -4.14
C PRO C 54 -17.71 24.60 -4.81
N ALA C 55 -17.96 23.91 -5.94
CA ALA C 55 -16.88 23.23 -6.65
C ALA C 55 -15.75 24.20 -7.01
N SER C 56 -16.08 25.48 -7.23
CA SER C 56 -15.05 26.46 -7.54
C SER C 56 -14.04 26.60 -6.40
N GLU C 57 -14.52 26.57 -5.16
CA GLU C 57 -13.65 26.72 -4.00
C GLU C 57 -13.06 25.41 -3.52
N ASN C 58 -13.46 24.28 -4.08
CA ASN C 58 -12.96 22.99 -3.64
C ASN C 58 -11.67 22.65 -4.38
N PRO C 59 -10.52 22.54 -3.70
CA PRO C 59 -9.29 22.16 -4.41
C PRO C 59 -9.37 20.78 -5.05
N PHE C 60 -10.09 19.85 -4.44
CA PHE C 60 -10.14 18.47 -4.92
C PHE C 60 -11.25 18.33 -5.97
N ARG C 61 -11.02 18.98 -7.11
CA ARG C 61 -11.96 18.90 -8.22
C ARG C 61 -11.72 17.62 -9.02
N GLU C 62 -12.77 17.17 -9.70
CA GLU C 62 -12.69 15.96 -10.52
C GLU C 62 -12.04 16.26 -11.86
N ASP D 39 30.55 19.02 1.13
CA ASP D 39 29.44 19.97 0.81
C ASP D 39 29.09 19.90 -0.66
N VAL D 40 27.94 20.50 -1.02
CA VAL D 40 27.52 20.51 -2.42
C VAL D 40 28.55 21.26 -3.25
N GLN D 41 28.96 20.65 -4.36
CA GLN D 41 29.97 21.26 -5.23
C GLN D 41 29.79 20.77 -6.65
N LEU D 42 29.97 21.69 -7.60
CA LEU D 42 29.97 21.39 -9.02
C LEU D 42 31.24 21.98 -9.63
N VAL D 43 31.99 21.16 -10.36
CA VAL D 43 33.26 21.56 -10.95
C VAL D 43 33.18 21.30 -12.44
N GLU D 44 33.23 22.36 -13.25
CA GLU D 44 33.20 22.22 -14.69
C GLU D 44 34.61 22.17 -15.26
N SER D 45 34.75 21.49 -16.38
CA SER D 45 36.04 21.31 -17.05
C SER D 45 35.82 21.25 -18.55
N GLY D 46 36.82 21.70 -19.28
CA GLY D 46 36.75 21.82 -20.73
C GLY D 46 36.50 23.26 -21.15
N GLY D 47 37.12 23.65 -22.25
CA GLY D 47 37.00 25.01 -22.75
C GLY D 47 38.31 25.44 -23.38
N GLY D 48 38.63 26.71 -23.18
CA GLY D 48 39.84 27.28 -23.75
C GLY D 48 39.63 27.69 -25.20
N LEU D 49 40.73 27.67 -25.95
CA LEU D 49 40.70 28.03 -27.35
C LEU D 49 40.16 26.89 -28.21
N VAL D 50 39.26 27.22 -29.13
CA VAL D 50 38.75 26.26 -30.09
C VAL D 50 38.64 26.95 -31.45
N GLN D 51 39.06 26.25 -32.50
CA GLN D 51 38.92 26.78 -33.83
C GLN D 51 37.43 26.91 -34.18
N PRO D 52 37.04 27.92 -34.94
CA PRO D 52 35.63 28.02 -35.36
C PRO D 52 35.20 26.77 -36.12
N GLY D 53 33.99 26.32 -35.82
CA GLY D 53 33.47 25.11 -36.41
C GLY D 53 33.97 23.83 -35.78
N GLY D 54 34.74 23.91 -34.69
CA GLY D 54 35.25 22.74 -34.02
C GLY D 54 34.24 22.14 -33.08
N SER D 55 34.71 21.22 -32.24
CA SER D 55 33.86 20.51 -31.30
C SER D 55 34.66 20.11 -30.07
N ARG D 56 33.95 20.02 -28.94
CA ARG D 56 34.56 19.54 -27.70
C ARG D 56 33.46 19.20 -26.73
N LYS D 57 33.78 18.32 -25.77
CA LYS D 57 32.83 17.89 -24.75
C LYS D 57 33.19 18.51 -23.41
N LEU D 58 32.31 19.37 -22.90
CA LEU D 58 32.47 19.93 -21.56
C LEU D 58 31.95 18.94 -20.53
N SER D 59 32.74 18.72 -19.48
CA SER D 59 32.42 17.71 -18.47
C SER D 59 32.34 18.38 -17.11
N CYS D 60 31.23 18.15 -16.40
CA CYS D 60 31.00 18.71 -15.07
C CYS D 60 30.88 17.57 -14.07
N SER D 61 31.63 17.66 -12.98
CA SER D 61 31.60 16.68 -11.91
C SER D 61 30.84 17.25 -10.72
N ALA D 62 29.90 16.47 -10.20
CA ALA D 62 29.07 16.87 -9.07
C ALA D 62 29.42 16.03 -7.86
N SER D 63 29.48 16.67 -6.69
CA SER D 63 29.81 15.98 -5.46
C SER D 63 29.05 16.62 -4.31
N GLY D 64 28.90 15.86 -3.22
CA GLY D 64 28.23 16.34 -2.04
C GLY D 64 26.72 16.21 -2.04
N PHE D 65 26.13 15.67 -3.11
CA PHE D 65 24.68 15.51 -3.17
C PHE D 65 24.35 14.41 -4.15
N ALA D 66 23.10 13.94 -4.09
CA ALA D 66 22.63 12.87 -4.95
C ALA D 66 22.44 13.41 -6.37
N PHE D 67 23.43 13.16 -7.23
CA PHE D 67 23.37 13.68 -8.59
C PHE D 67 22.18 13.11 -9.35
N SER D 68 21.91 11.82 -9.17
CA SER D 68 20.84 11.18 -9.93
C SER D 68 19.46 11.78 -9.64
N SER D 69 19.30 12.42 -8.48
CA SER D 69 18.02 13.00 -8.10
C SER D 69 17.83 14.43 -8.60
N PHE D 70 18.85 15.04 -9.20
CA PHE D 70 18.80 16.42 -9.66
C PHE D 70 18.87 16.48 -11.18
N GLY D 71 17.93 17.24 -11.77
CA GLY D 71 18.09 17.63 -13.16
C GLY D 71 19.15 18.70 -13.31
N MET D 72 19.68 18.80 -14.53
CA MET D 72 20.83 19.65 -14.80
C MET D 72 20.52 20.62 -15.93
N HIS D 73 21.08 21.82 -15.81
CA HIS D 73 20.97 22.86 -16.82
C HIS D 73 22.36 23.41 -17.13
N TRP D 74 22.54 23.85 -18.37
CA TRP D 74 23.73 24.58 -18.79
C TRP D 74 23.34 26.01 -19.12
N VAL D 75 24.04 26.97 -18.50
CA VAL D 75 23.75 28.38 -18.70
C VAL D 75 25.05 29.08 -19.08
N ARG D 76 25.05 29.75 -20.23
CA ARG D 76 26.24 30.42 -20.73
C ARG D 76 26.07 31.93 -20.65
N GLN D 77 27.13 32.59 -20.18
CA GLN D 77 27.18 34.05 -20.09
C GLN D 77 28.30 34.53 -21.00
N ALA D 78 27.95 35.32 -22.02
CA ALA D 78 28.95 35.84 -22.91
C ALA D 78 29.72 36.98 -22.24
N PRO D 79 30.93 37.29 -22.73
CA PRO D 79 31.73 38.35 -22.09
C PRO D 79 30.97 39.66 -21.95
N GLU D 80 30.76 40.10 -20.71
CA GLU D 80 30.05 41.35 -20.43
C GLU D 80 28.64 41.31 -20.98
N LYS D 81 27.96 40.17 -20.83
CA LYS D 81 26.59 39.99 -21.26
C LYS D 81 25.80 39.26 -20.18
N GLY D 82 24.51 39.13 -20.41
CA GLY D 82 23.62 38.47 -19.46
C GLY D 82 23.64 36.96 -19.61
N LEU D 83 22.92 36.31 -18.71
CA LEU D 83 22.83 34.86 -18.72
C LEU D 83 21.97 34.38 -19.89
N GLU D 84 22.21 33.15 -20.31
CA GLU D 84 21.46 32.55 -21.42
C GLU D 84 21.37 31.05 -21.21
N TRP D 85 20.15 30.52 -21.16
CA TRP D 85 19.96 29.08 -21.01
C TRP D 85 20.42 28.36 -22.27
N VAL D 86 21.05 27.20 -22.09
CA VAL D 86 21.62 26.41 -23.18
C VAL D 86 20.88 25.09 -23.36
N ALA D 87 20.90 24.24 -22.33
CA ALA D 87 20.29 22.91 -22.44
C ALA D 87 19.86 22.46 -21.06
N TYR D 88 18.93 21.51 -21.05
CA TYR D 88 18.41 20.92 -19.81
C TYR D 88 18.20 19.43 -19.99
N ILE D 89 18.59 18.67 -18.98
CA ILE D 89 18.37 17.23 -18.95
C ILE D 89 17.76 16.88 -17.60
N SER D 90 16.61 16.20 -17.61
CA SER D 90 15.92 15.86 -16.39
C SER D 90 16.56 14.64 -15.72
N SER D 91 16.13 14.38 -14.49
CA SER D 91 16.62 13.22 -13.77
C SER D 91 16.27 11.95 -14.51
N GLY D 92 17.24 11.05 -14.65
CA GLY D 92 17.04 9.82 -15.40
C GLY D 92 17.11 9.97 -16.90
N SER D 93 17.43 11.17 -17.41
CA SER D 93 17.53 11.44 -18.84
C SER D 93 16.21 11.21 -19.55
N GLY D 94 15.08 11.33 -18.83
CA GLY D 94 13.78 11.11 -19.45
C GLY D 94 13.34 12.25 -20.35
N THR D 95 13.82 13.46 -20.06
CA THR D 95 13.45 14.64 -20.84
C THR D 95 14.68 15.48 -21.11
N ILE D 96 14.78 16.01 -22.33
CA ILE D 96 15.89 16.85 -22.74
C ILE D 96 15.33 18.02 -23.53
N TYR D 97 15.87 19.21 -23.28
CA TYR D 97 15.47 20.42 -24.00
C TYR D 97 16.70 21.23 -24.37
N TYR D 98 16.59 21.95 -25.48
CA TYR D 98 17.66 22.81 -25.97
C TYR D 98 17.07 24.15 -26.41
N ALA D 99 17.91 25.16 -26.41
CA ALA D 99 17.53 26.45 -26.99
C ALA D 99 17.60 26.38 -28.51
N ASP D 100 16.81 27.22 -29.17
CA ASP D 100 16.79 27.22 -30.63
C ASP D 100 18.18 27.52 -31.20
N THR D 101 18.93 28.41 -30.55
CA THR D 101 20.30 28.68 -30.96
C THR D 101 21.24 27.51 -30.63
N VAL D 102 20.78 26.52 -29.88
CA VAL D 102 21.61 25.41 -29.43
C VAL D 102 21.10 24.11 -30.03
N LYS D 103 19.84 24.08 -30.45
CA LYS D 103 19.22 22.85 -30.92
C LYS D 103 20.02 22.24 -32.05
N GLY D 104 20.30 20.95 -31.94
CA GLY D 104 21.01 20.22 -32.97
C GLY D 104 22.52 20.33 -32.88
N ARG D 105 23.02 21.54 -32.63
CA ARG D 105 24.47 21.75 -32.64
C ARG D 105 25.14 21.13 -31.43
N PHE D 106 24.55 21.34 -30.25
CA PHE D 106 25.09 20.79 -28.97
C PHE D 106 24.12 19.75 -28.40
N THR D 107 24.64 18.68 -27.81
CA THR D 107 23.85 17.62 -27.20
C THR D 107 24.27 17.43 -25.75
N ILE D 108 23.29 17.16 -24.89
CA ILE D 108 23.50 17.05 -23.44
C ILE D 108 23.24 15.62 -23.01
N SER D 109 24.09 15.11 -22.11
CA SER D 109 23.93 13.77 -21.57
C SER D 109 24.42 13.77 -20.13
N ARG D 110 24.10 12.69 -19.41
CA ARG D 110 24.49 12.56 -18.02
C ARG D 110 24.87 11.11 -17.72
N ASP D 111 25.79 10.94 -16.77
CA ASP D 111 26.25 9.62 -16.32
C ASP D 111 26.07 9.65 -14.80
N ASP D 112 24.97 9.05 -14.34
CA ASP D 112 24.67 9.03 -12.91
C ASP D 112 25.69 8.27 -12.07
N PRO D 113 26.12 7.06 -12.43
CA PRO D 113 27.02 6.32 -11.53
C PRO D 113 28.30 7.07 -11.21
N LYS D 114 28.86 7.81 -12.17
CA LYS D 114 30.03 8.64 -11.93
C LYS D 114 29.67 10.07 -11.55
N ASN D 115 28.39 10.39 -11.46
CA ASN D 115 27.94 11.73 -11.09
C ASN D 115 28.56 12.79 -12.00
N THR D 116 28.33 12.64 -13.30
CA THR D 116 28.94 13.52 -14.29
C THR D 116 27.90 13.99 -15.29
N LEU D 117 28.11 15.19 -15.83
CA LEU D 117 27.28 15.77 -16.86
C LEU D 117 28.14 16.16 -18.05
N PHE D 118 27.67 15.87 -19.25
CA PHE D 118 28.43 16.11 -20.46
C PHE D 118 27.62 16.96 -21.43
N LEU D 119 28.31 17.92 -22.05
CA LEU D 119 27.75 18.74 -23.13
C LEU D 119 28.71 18.64 -24.31
N GLN D 120 28.32 17.88 -25.33
CA GLN D 120 29.12 17.76 -26.53
C GLN D 120 28.70 18.85 -27.51
N MET D 121 29.64 19.74 -27.85
CA MET D 121 29.37 20.87 -28.71
C MET D 121 30.07 20.65 -30.05
N THR D 122 29.33 20.86 -31.13
CA THR D 122 29.86 20.72 -32.48
C THR D 122 29.43 21.93 -33.31
N SER D 123 30.19 22.21 -34.36
CA SER D 123 29.94 23.38 -35.21
C SER D 123 29.93 24.65 -34.37
N LEU D 124 30.95 24.80 -33.53
CA LEU D 124 31.04 25.93 -32.61
C LEU D 124 31.15 27.25 -33.36
N ARG D 125 30.09 28.06 -33.31
CA ARG D 125 30.12 29.36 -33.96
C ARG D 125 30.91 30.35 -33.12
N SER D 126 31.29 31.47 -33.75
CA SER D 126 32.05 32.50 -33.03
C SER D 126 31.24 33.07 -31.88
N GLU D 127 29.91 33.09 -31.99
CA GLU D 127 29.06 33.62 -30.93
C GLU D 127 28.99 32.69 -29.72
N ASP D 128 29.48 31.46 -29.84
CA ASP D 128 29.39 30.51 -28.73
C ASP D 128 30.38 30.82 -27.61
N THR D 129 31.35 31.71 -27.84
CA THR D 129 32.31 32.05 -26.79
C THR D 129 31.59 32.60 -25.57
N ALA D 130 31.86 32.01 -24.40
CA ALA D 130 31.21 32.42 -23.18
C ALA D 130 31.75 31.60 -22.02
N MET D 131 31.32 31.96 -20.81
CA MET D 131 31.57 31.15 -19.62
C MET D 131 30.34 30.30 -19.36
N TYR D 132 30.53 29.00 -19.26
CA TYR D 132 29.44 28.04 -19.10
C TYR D 132 29.38 27.58 -17.65
N TYR D 133 28.18 27.62 -17.08
CA TYR D 133 27.90 27.17 -15.72
C TYR D 133 26.96 25.98 -15.77
N CYS D 134 27.17 25.03 -14.86
CA CYS D 134 26.26 23.90 -14.66
C CYS D 134 25.41 24.18 -13.43
N VAL D 135 24.10 24.04 -13.57
CA VAL D 135 23.14 24.39 -12.53
C VAL D 135 22.31 23.16 -12.20
N ARG D 136 22.15 22.88 -10.92
CA ARG D 136 21.28 21.80 -10.47
C ARG D 136 19.87 22.33 -10.24
N SER D 137 18.89 21.44 -10.39
CA SER D 137 17.50 21.81 -10.21
C SER D 137 16.71 20.59 -9.78
N ILE D 138 15.86 20.78 -8.76
CA ILE D 138 15.00 19.73 -8.24
C ILE D 138 13.56 20.22 -8.28
N TYR D 139 12.66 19.39 -8.83
CA TYR D 139 11.28 19.79 -9.07
C TYR D 139 10.35 18.93 -8.22
N TYR D 140 9.66 19.57 -7.28
CA TYR D 140 8.56 18.95 -6.55
C TYR D 140 7.89 20.06 -5.74
N TYR D 141 6.73 19.75 -5.18
CA TYR D 141 5.97 20.74 -4.43
C TYR D 141 6.83 21.33 -3.33
N GLY D 142 7.00 22.66 -3.35
CA GLY D 142 7.84 23.34 -2.39
C GLY D 142 9.33 23.33 -2.72
N SER D 143 9.72 22.78 -3.86
CA SER D 143 11.12 22.74 -4.22
C SER D 143 11.63 24.12 -4.63
N SER D 144 12.95 24.26 -4.66
CA SER D 144 13.62 25.51 -5.03
C SER D 144 14.68 25.20 -6.07
N PRO D 145 14.29 25.02 -7.33
CA PRO D 145 15.27 24.68 -8.36
C PRO D 145 16.23 25.83 -8.61
N PHE D 146 17.34 25.51 -9.28
CA PHE D 146 18.41 26.47 -9.55
C PHE D 146 19.01 27.00 -8.26
N ASP D 147 19.02 26.18 -7.20
CA ASP D 147 19.54 26.64 -5.92
C ASP D 147 21.06 26.71 -5.87
N PHE D 148 21.74 25.95 -6.72
CA PHE D 148 23.20 25.90 -6.72
C PHE D 148 23.72 26.06 -8.14
N TRP D 149 24.77 26.85 -8.29
CA TRP D 149 25.39 27.12 -9.58
C TRP D 149 26.88 26.78 -9.51
N GLY D 150 27.38 26.16 -10.58
CA GLY D 150 28.79 25.83 -10.64
C GLY D 150 29.64 27.02 -11.03
N GLN D 151 30.95 26.89 -10.78
CA GLN D 151 31.88 27.96 -11.11
C GLN D 151 31.93 28.18 -12.62
N GLY D 152 31.91 27.11 -13.40
CA GLY D 152 31.90 27.19 -14.84
C GLY D 152 33.29 27.31 -15.45
N THR D 153 33.34 27.26 -16.77
CA THR D 153 34.59 27.31 -17.51
C THR D 153 34.45 28.23 -18.72
N THR D 154 35.58 28.79 -19.14
CA THR D 154 35.62 29.72 -20.26
C THR D 154 35.80 28.96 -21.57
N LEU D 155 35.12 29.43 -22.62
CA LEU D 155 35.27 28.89 -23.97
C LEU D 155 35.39 30.05 -24.93
N THR D 156 36.42 30.04 -25.77
CA THR D 156 36.68 31.13 -26.69
C THR D 156 37.16 30.56 -28.02
N VAL D 157 36.99 31.34 -29.07
CA VAL D 157 37.33 30.93 -30.42
C VAL D 157 38.50 31.75 -30.93
N SER D 158 39.22 31.19 -31.89
CA SER D 158 40.34 31.86 -32.51
C SER D 158 39.85 32.81 -33.60
N SER D 159 40.79 33.43 -34.31
CA SER D 159 40.45 34.36 -35.38
C SER D 159 41.69 34.68 -36.22
N SER D 174 8.13 33.89 -30.07
CA SER D 174 8.09 32.45 -29.89
C SER D 174 8.50 32.06 -28.47
N ASP D 175 8.84 33.06 -27.65
CA ASP D 175 9.24 32.82 -26.27
C ASP D 175 8.97 34.06 -25.45
N ILE D 176 8.94 33.88 -24.13
CA ILE D 176 8.68 34.98 -23.20
C ILE D 176 9.92 35.86 -23.13
N VAL D 177 9.72 37.17 -23.27
CA VAL D 177 10.81 38.14 -23.24
C VAL D 177 10.76 38.85 -21.89
N MET D 178 11.89 38.85 -21.19
CA MET D 178 12.02 39.48 -19.87
C MET D 178 12.87 40.74 -20.01
N THR D 179 12.39 41.83 -19.42
CA THR D 179 13.10 43.10 -19.47
C THR D 179 13.19 43.69 -18.07
N GLN D 180 14.23 44.48 -17.84
CA GLN D 180 14.46 45.12 -16.55
C GLN D 180 14.40 46.64 -16.70
N ALA D 181 14.08 47.31 -15.60
CA ALA D 181 13.82 48.75 -15.65
C ALA D 181 15.06 49.52 -16.09
N THR D 182 16.19 49.29 -15.43
CA THR D 182 17.40 50.04 -15.69
C THR D 182 18.61 49.10 -15.63
N SER D 183 19.68 49.52 -16.31
CA SER D 183 20.90 48.73 -16.34
C SER D 183 21.69 48.84 -15.02
N SER D 184 21.64 49.98 -14.36
CA SER D 184 22.38 50.16 -13.12
C SER D 184 21.75 51.29 -12.32
N VAL D 185 21.95 51.23 -11.00
CA VAL D 185 21.46 52.28 -10.10
C VAL D 185 22.45 52.48 -8.98
N PRO D 186 22.48 53.68 -8.41
CA PRO D 186 23.40 53.94 -7.29
C PRO D 186 22.93 53.28 -6.01
N VAL D 187 23.89 53.04 -5.11
CA VAL D 187 23.64 52.36 -3.84
C VAL D 187 24.60 52.89 -2.78
N THR D 188 24.11 52.97 -1.55
CA THR D 188 24.90 53.30 -0.39
C THR D 188 24.48 52.37 0.75
N PRO D 189 25.38 52.11 1.71
CA PRO D 189 25.01 51.23 2.82
C PRO D 189 23.83 51.78 3.60
N GLY D 190 22.95 50.87 4.03
CA GLY D 190 21.78 51.24 4.80
C GLY D 190 20.62 51.78 4.01
N GLU D 191 20.71 51.81 2.69
CA GLU D 191 19.65 52.34 1.85
C GLU D 191 18.74 51.21 1.37
N SER D 192 17.56 51.61 0.90
CA SER D 192 16.58 50.68 0.35
C SER D 192 16.48 50.88 -1.16
N VAL D 193 16.54 49.78 -1.91
CA VAL D 193 16.48 49.82 -3.36
C VAL D 193 15.42 48.83 -3.83
N SER D 194 14.84 49.12 -4.99
CA SER D 194 13.79 48.31 -5.58
C SER D 194 14.06 48.14 -7.07
N ILE D 195 14.55 46.98 -7.46
CA ILE D 195 14.72 46.64 -8.86
C ILE D 195 13.38 46.17 -9.42
N SER D 196 13.12 46.49 -10.68
CA SER D 196 11.84 46.17 -11.31
C SER D 196 12.08 45.44 -12.62
N CYS D 197 11.12 44.60 -13.00
CA CYS D 197 11.20 43.84 -14.23
C CYS D 197 9.81 43.50 -14.73
N ARG D 198 9.72 43.17 -16.01
CA ARG D 198 8.47 42.85 -16.66
C ARG D 198 8.69 41.72 -17.65
N SER D 199 7.59 41.02 -17.96
CA SER D 199 7.60 39.90 -18.89
C SER D 199 6.52 40.11 -19.94
N SER D 200 6.79 39.64 -21.16
CA SER D 200 5.81 39.79 -22.24
C SER D 200 4.53 39.05 -21.93
N LYS D 201 4.63 37.84 -21.39
CA LYS D 201 3.49 37.00 -21.08
C LYS D 201 3.36 36.84 -19.56
N SER D 202 2.12 36.84 -19.08
CA SER D 202 1.88 36.69 -17.65
C SER D 202 2.41 35.34 -17.17
N LEU D 203 3.14 35.37 -16.05
CA LEU D 203 3.72 34.17 -15.46
C LEU D 203 2.83 33.53 -14.41
N LEU D 204 1.65 34.08 -14.16
CA LEU D 204 0.73 33.53 -13.15
C LEU D 204 -0.03 32.37 -13.78
N HIS D 205 0.38 31.15 -13.45
CA HIS D 205 -0.28 29.97 -13.99
C HIS D 205 -1.63 29.75 -13.30
N SER D 206 -2.46 28.92 -13.94
CA SER D 206 -3.77 28.64 -13.39
C SER D 206 -3.68 28.00 -12.01
N ASN D 207 -2.61 27.25 -11.75
CA ASN D 207 -2.43 26.63 -10.44
C ASN D 207 -2.20 27.64 -9.32
N GLY D 208 -1.90 28.90 -9.66
CA GLY D 208 -1.69 29.93 -8.66
C GLY D 208 -0.24 30.22 -8.33
N ASN D 209 0.71 29.65 -9.06
CA ASN D 209 2.13 29.87 -8.82
C ASN D 209 2.70 30.77 -9.90
N THR D 210 3.40 31.81 -9.49
CA THR D 210 4.07 32.74 -10.39
C THR D 210 5.53 32.30 -10.52
N TYR D 211 5.91 31.84 -11.72
CA TYR D 211 7.24 31.26 -11.94
C TYR D 211 8.21 32.39 -12.29
N LEU D 212 8.75 33.01 -11.24
CA LEU D 212 9.78 34.03 -11.37
C LEU D 212 10.93 33.70 -10.43
N TYR D 213 12.15 33.88 -10.91
CA TYR D 213 13.36 33.59 -10.14
C TYR D 213 14.29 34.79 -10.20
N TRP D 214 14.87 35.12 -9.05
CA TRP D 214 15.83 36.21 -8.93
C TRP D 214 17.21 35.64 -8.61
N PHE D 215 18.21 36.05 -9.38
CA PHE D 215 19.57 35.57 -9.20
C PHE D 215 20.51 36.75 -9.01
N LEU D 216 21.48 36.58 -8.11
CA LEU D 216 22.48 37.60 -7.82
C LEU D 216 23.86 37.05 -8.17
N GLN D 217 24.60 37.81 -8.97
CA GLN D 217 25.94 37.45 -9.41
C GLN D 217 26.92 38.44 -8.80
N ARG D 218 27.89 37.94 -8.03
CA ARG D 218 28.94 38.78 -7.49
C ARG D 218 30.03 38.98 -8.52
N PRO D 219 30.80 40.07 -8.42
CA PRO D 219 31.89 40.28 -9.38
C PRO D 219 32.90 39.15 -9.30
N GLY D 220 33.11 38.48 -10.44
CA GLY D 220 34.03 37.36 -10.48
C GLY D 220 33.51 36.10 -9.83
N GLN D 221 32.20 35.94 -9.72
CA GLN D 221 31.60 34.76 -9.10
C GLN D 221 30.34 34.38 -9.88
N SER D 222 29.94 33.12 -9.73
CA SER D 222 28.76 32.61 -10.40
C SER D 222 27.48 33.14 -9.73
N PRO D 223 26.38 33.20 -10.47
CA PRO D 223 25.13 33.66 -9.86
C PRO D 223 24.60 32.69 -8.82
N GLN D 224 23.83 33.23 -7.88
CA GLN D 224 23.19 32.44 -6.83
C GLN D 224 21.71 32.82 -6.75
N LEU D 225 20.89 31.85 -6.36
CA LEU D 225 19.46 32.06 -6.27
C LEU D 225 19.11 32.87 -5.04
N LEU D 226 18.31 33.92 -5.23
CA LEU D 226 17.80 34.74 -4.12
C LEU D 226 16.37 34.38 -3.76
N ILE D 227 15.46 34.48 -4.73
CA ILE D 227 14.04 34.20 -4.52
C ILE D 227 13.55 33.31 -5.64
N TYR D 228 12.73 32.32 -5.31
CA TYR D 228 12.12 31.42 -6.27
C TYR D 228 10.61 31.49 -6.14
N ARG D 229 9.92 31.44 -7.28
CA ARG D 229 8.47 31.56 -7.36
C ARG D 229 7.94 32.91 -6.90
N MET D 230 8.82 33.92 -6.84
CA MET D 230 8.42 35.31 -6.65
C MET D 230 7.97 35.59 -5.21
N SER D 231 7.86 34.56 -4.39
CA SER D 231 7.39 34.76 -3.02
C SER D 231 8.13 33.94 -1.97
N ASN D 232 9.11 33.13 -2.37
CA ASN D 232 9.81 32.23 -1.44
C ASN D 232 11.29 32.58 -1.44
N LEU D 233 11.79 33.04 -0.30
CA LEU D 233 13.22 33.33 -0.17
C LEU D 233 14.03 32.04 -0.19
N ALA D 234 15.15 32.08 -0.89
CA ALA D 234 16.01 30.91 -0.97
C ALA D 234 16.66 30.61 0.38
N SER D 235 16.87 29.32 0.64
CA SER D 235 17.47 28.91 1.89
C SER D 235 18.87 29.51 2.03
N GLY D 236 19.15 30.06 3.21
CA GLY D 236 20.43 30.67 3.50
C GLY D 236 20.55 32.12 3.10
N VAL D 237 19.62 32.63 2.30
CA VAL D 237 19.67 34.04 1.88
C VAL D 237 19.22 34.91 3.05
N PRO D 238 19.88 36.05 3.31
CA PRO D 238 19.43 36.92 4.41
C PRO D 238 18.03 37.45 4.13
N ASP D 239 17.29 37.70 5.21
CA ASP D 239 15.91 38.16 5.13
C ASP D 239 15.78 39.56 4.55
N ARG D 240 16.87 40.23 4.22
CA ARG D 240 16.78 41.59 3.68
C ARG D 240 16.02 41.62 2.37
N PHE D 241 16.28 40.66 1.48
CA PHE D 241 15.64 40.63 0.18
C PHE D 241 14.16 40.26 0.32
N SER D 242 13.34 40.80 -0.58
CA SER D 242 11.92 40.47 -0.62
C SER D 242 11.41 40.67 -2.03
N GLY D 243 10.85 39.62 -2.62
CA GLY D 243 10.31 39.67 -3.97
C GLY D 243 8.80 39.80 -3.94
N SER D 244 8.26 40.48 -4.94
CA SER D 244 6.82 40.64 -5.08
C SER D 244 6.51 40.85 -6.55
N GLY D 245 5.23 40.72 -6.90
CA GLY D 245 4.84 40.94 -8.27
C GLY D 245 3.38 40.61 -8.48
N SER D 246 2.93 40.89 -9.71
CA SER D 246 1.54 40.65 -10.10
C SER D 246 1.54 40.40 -11.61
N GLY D 247 1.25 39.16 -12.00
CA GLY D 247 0.91 38.85 -13.36
C GLY D 247 2.07 39.00 -14.32
N THR D 248 2.47 40.25 -14.54
CA THR D 248 3.54 40.57 -15.47
C THR D 248 4.55 41.58 -14.94
N ALA D 249 4.25 42.28 -13.85
CA ALA D 249 5.16 43.28 -13.31
C ALA D 249 5.68 42.80 -11.95
N PHE D 250 7.00 42.72 -11.83
CA PHE D 250 7.62 42.16 -10.63
C PHE D 250 8.70 43.10 -10.12
N THR D 251 8.96 43.04 -8.82
CA THR D 251 9.93 43.91 -8.18
C THR D 251 10.61 43.19 -7.02
N LEU D 252 11.93 43.37 -6.92
CA LEU D 252 12.73 42.86 -5.82
C LEU D 252 13.21 44.04 -5.00
N THR D 253 12.87 44.04 -3.72
CA THR D 253 13.19 45.14 -2.81
C THR D 253 14.18 44.66 -1.76
N ILE D 254 15.05 45.57 -1.33
CA ILE D 254 15.99 45.31 -0.24
C ILE D 254 15.65 46.27 0.89
N SER D 255 15.34 45.71 2.06
CA SER D 255 14.93 46.55 3.19
C SER D 255 16.04 47.51 3.58
N ARG D 256 17.25 47.00 3.78
CA ARG D 256 18.41 47.83 4.09
C ARG D 256 19.60 47.27 3.33
N LEU D 257 20.22 48.12 2.51
CA LEU D 257 21.30 47.66 1.65
C LEU D 257 22.57 47.46 2.45
N GLU D 258 23.31 46.41 2.10
CA GLU D 258 24.60 46.10 2.70
C GLU D 258 25.70 46.23 1.64
N ALA D 259 26.94 46.32 2.12
CA ALA D 259 28.07 46.47 1.21
C ALA D 259 28.19 45.27 0.26
N GLU D 260 27.84 44.08 0.74
CA GLU D 260 27.97 42.88 -0.08
C GLU D 260 26.86 42.78 -1.12
N ASP D 261 25.73 43.46 -0.90
CA ASP D 261 24.59 43.30 -1.80
C ASP D 261 24.87 43.80 -3.21
N VAL D 262 25.93 44.60 -3.40
CA VAL D 262 26.23 45.11 -4.73
C VAL D 262 26.58 43.95 -5.66
N GLY D 263 26.01 43.99 -6.87
CA GLY D 263 26.21 42.89 -7.80
C GLY D 263 25.20 42.98 -8.94
N VAL D 264 25.23 41.99 -9.83
CA VAL D 264 24.39 41.99 -11.01
C VAL D 264 23.17 41.11 -10.73
N TYR D 265 21.98 41.70 -10.87
CA TYR D 265 20.73 41.02 -10.60
C TYR D 265 20.08 40.60 -11.92
N TYR D 266 19.67 39.34 -12.00
CA TYR D 266 19.03 38.77 -13.17
C TYR D 266 17.68 38.21 -12.80
N CYS D 267 16.72 38.32 -13.72
CA CYS D 267 15.39 37.74 -13.57
C CYS D 267 15.19 36.62 -14.59
N MET D 268 14.52 35.56 -14.14
CA MET D 268 14.31 34.38 -14.98
C MET D 268 12.87 33.93 -14.86
N GLN D 269 12.35 33.40 -15.96
CA GLN D 269 11.00 32.85 -16.01
C GLN D 269 11.08 31.36 -16.29
N HIS D 270 10.29 30.58 -15.55
CA HIS D 270 10.27 29.12 -15.69
C HIS D 270 8.91 28.61 -16.14
N LEU D 271 8.06 29.50 -16.67
CA LEU D 271 6.73 29.08 -17.10
C LEU D 271 6.81 28.09 -18.26
N GLU D 272 7.69 28.36 -19.24
CA GLU D 272 7.81 27.50 -20.41
C GLU D 272 9.21 27.65 -21.00
N TYR D 273 9.70 26.57 -21.59
CA TYR D 273 11.00 26.60 -22.25
C TYR D 273 10.89 27.33 -23.58
N PRO D 274 11.99 27.95 -24.05
CA PRO D 274 13.31 28.07 -23.41
C PRO D 274 13.29 29.04 -22.23
N LEU D 275 14.17 28.87 -21.26
CA LEU D 275 14.25 29.78 -20.13
C LEU D 275 15.01 31.03 -20.54
N THR D 276 14.38 32.19 -20.39
CA THR D 276 14.94 33.46 -20.83
C THR D 276 15.34 34.28 -19.61
N PHE D 277 16.56 34.81 -19.64
CA PHE D 277 17.07 35.67 -18.59
C PHE D 277 17.07 37.12 -19.06
N GLY D 278 16.47 38.01 -18.27
CA GLY D 278 16.45 39.41 -18.62
C GLY D 278 17.81 40.06 -18.46
N ALA D 279 17.95 41.24 -19.06
CA ALA D 279 19.19 41.98 -18.97
C ALA D 279 19.51 42.28 -17.51
N GLY D 280 20.75 42.02 -17.12
CA GLY D 280 21.13 42.21 -15.73
C GLY D 280 21.15 43.66 -15.33
N THR D 281 20.85 43.91 -14.06
CA THR D 281 20.91 45.25 -13.47
C THR D 281 22.12 45.30 -12.54
N LYS D 282 23.01 46.26 -12.76
CA LYS D 282 24.26 46.36 -12.02
C LYS D 282 24.03 47.26 -10.81
N LEU D 283 24.04 46.67 -9.61
CA LEU D 283 23.93 47.41 -8.36
C LEU D 283 25.33 47.75 -7.89
N GLU D 284 25.69 49.04 -8.00
CA GLU D 284 27.04 49.52 -7.72
C GLU D 284 27.03 50.35 -6.44
N LEU D 285 28.02 50.13 -5.59
CA LEU D 285 28.14 50.87 -4.34
C LEU D 285 28.24 52.37 -4.61
N VAL E 198 -42.32 -35.66 -31.23
CA VAL E 198 -40.83 -35.85 -31.12
C VAL E 198 -40.29 -35.06 -29.94
N PHE E 199 -41.16 -34.76 -28.98
CA PHE E 199 -40.77 -34.00 -27.79
C PHE E 199 -40.13 -32.66 -28.18
N GLY E 200 -40.69 -32.03 -29.22
CA GLY E 200 -40.13 -30.76 -29.67
C GLY E 200 -40.25 -29.66 -28.64
N VAL E 201 -41.41 -29.57 -27.97
CA VAL E 201 -41.63 -28.50 -27.01
C VAL E 201 -40.65 -28.63 -25.84
N LEU E 202 -40.52 -29.85 -25.30
CA LEU E 202 -39.61 -30.05 -24.18
C LEU E 202 -38.17 -29.77 -24.56
N ILE E 203 -37.76 -30.22 -25.75
CA ILE E 203 -36.39 -29.99 -26.21
C ILE E 203 -36.14 -28.49 -26.36
N LEU E 204 -37.10 -27.77 -26.97
CA LEU E 204 -36.94 -26.33 -27.14
C LEU E 204 -36.85 -25.62 -25.79
N THR E 205 -37.71 -26.00 -24.84
CA THR E 205 -37.67 -25.37 -23.53
C THR E 205 -36.34 -25.63 -22.83
N LEU E 206 -35.85 -26.87 -22.89
CA LEU E 206 -34.57 -27.19 -22.27
C LEU E 206 -33.44 -26.42 -22.92
N LEU E 207 -33.47 -26.30 -24.25
CA LEU E 207 -32.42 -25.58 -24.96
C LEU E 207 -32.44 -24.09 -24.61
N GLY E 208 -33.63 -23.50 -24.53
CA GLY E 208 -33.73 -22.10 -24.12
C GLY E 208 -33.24 -21.89 -22.70
N PHE E 209 -33.58 -22.81 -21.79
CA PHE E 209 -33.08 -22.72 -20.43
C PHE E 209 -31.56 -22.82 -20.40
N LEU E 210 -30.99 -23.71 -21.20
CA LEU E 210 -29.53 -23.82 -21.29
C LEU E 210 -28.92 -22.52 -21.79
N VAL E 211 -29.51 -21.93 -22.83
CA VAL E 211 -28.97 -20.68 -23.38
C VAL E 211 -29.01 -19.59 -22.32
N ALA E 212 -30.14 -19.46 -21.62
CA ALA E 212 -30.28 -18.42 -20.61
C ALA E 212 -29.27 -18.65 -19.48
N ALA E 213 -29.14 -19.90 -19.01
CA ALA E 213 -28.22 -20.19 -17.93
C ALA E 213 -26.79 -19.87 -18.34
N THR E 214 -26.40 -20.26 -19.55
CA THR E 214 -25.07 -19.92 -20.06
C THR E 214 -24.89 -18.41 -20.00
N PHE E 215 -25.67 -17.69 -20.81
CA PHE E 215 -25.53 -16.24 -20.88
C PHE E 215 -25.41 -15.62 -19.49
N ALA E 216 -26.33 -15.97 -18.59
CA ALA E 216 -26.35 -15.36 -17.27
C ALA E 216 -25.06 -15.67 -16.50
N TRP E 217 -24.67 -16.94 -16.44
CA TRP E 217 -23.51 -17.32 -15.63
C TRP E 217 -22.23 -16.71 -16.19
N ASN E 218 -22.06 -16.76 -17.52
CA ASN E 218 -20.85 -16.21 -18.12
C ASN E 218 -20.78 -14.71 -17.91
N LEU E 219 -21.90 -14.00 -18.09
CA LEU E 219 -21.89 -12.56 -17.87
C LEU E 219 -21.62 -12.23 -16.40
N LEU E 220 -22.19 -13.02 -15.49
CA LEU E 220 -21.94 -12.79 -14.07
C LEU E 220 -20.46 -12.98 -13.74
N VAL E 221 -19.84 -14.02 -14.29
CA VAL E 221 -18.42 -14.26 -14.04
C VAL E 221 -17.58 -13.10 -14.57
N LEU E 222 -17.88 -12.67 -15.80
CA LEU E 222 -17.12 -11.57 -16.39
C LEU E 222 -17.29 -10.29 -15.58
N ALA E 223 -18.52 -10.00 -15.14
CA ALA E 223 -18.75 -8.81 -14.32
C ALA E 223 -18.01 -8.92 -12.99
N THR E 224 -17.99 -10.11 -12.39
CA THR E 224 -17.27 -10.28 -11.13
C THR E 224 -15.78 -10.02 -11.31
N ILE E 225 -15.20 -10.52 -12.41
CA ILE E 225 -13.79 -10.22 -12.69
C ILE E 225 -13.59 -8.71 -12.86
N LEU E 226 -14.43 -8.08 -13.67
CA LEU E 226 -14.17 -6.70 -14.07
C LEU E 226 -14.45 -5.72 -12.93
N ARG E 227 -15.33 -6.08 -12.00
CA ARG E 227 -15.78 -5.17 -10.96
C ARG E 227 -14.97 -5.30 -9.68
N VAL E 228 -14.79 -6.52 -9.18
CA VAL E 228 -14.08 -6.75 -7.93
C VAL E 228 -12.59 -6.64 -8.18
N ARG E 229 -11.93 -5.73 -7.46
CA ARG E 229 -10.50 -5.53 -7.62
C ARG E 229 -9.69 -6.71 -7.09
N THR E 230 -10.23 -7.48 -6.15
CA THR E 230 -9.49 -8.62 -5.61
C THR E 230 -9.18 -9.66 -6.68
N PHE E 231 -10.01 -9.73 -7.72
CA PHE E 231 -9.84 -10.71 -8.79
C PHE E 231 -8.85 -10.24 -9.86
N HIS E 232 -8.32 -9.02 -9.75
CA HIS E 232 -7.36 -8.51 -10.73
C HIS E 232 -5.99 -9.13 -10.46
N ARG E 233 -5.88 -10.41 -10.82
CA ARG E 233 -4.64 -11.16 -10.64
C ARG E 233 -4.39 -12.00 -11.88
N VAL E 234 -3.15 -12.46 -12.02
CA VAL E 234 -2.74 -13.17 -13.23
C VAL E 234 -3.60 -14.41 -13.48
N PRO E 235 -3.86 -15.28 -12.51
CA PRO E 235 -4.61 -16.50 -12.81
C PRO E 235 -6.02 -16.24 -13.31
N HIS E 236 -6.59 -15.07 -13.03
CA HIS E 236 -7.96 -14.78 -13.42
C HIS E 236 -8.09 -14.27 -14.85
N ASN E 237 -6.99 -13.90 -15.51
CA ASN E 237 -7.09 -13.46 -16.89
C ASN E 237 -7.53 -14.59 -17.81
N LEU E 238 -7.01 -15.80 -17.59
CA LEU E 238 -7.45 -16.94 -18.38
C LEU E 238 -8.93 -17.23 -18.14
N VAL E 239 -9.38 -17.13 -16.89
CA VAL E 239 -10.80 -17.33 -16.60
C VAL E 239 -11.64 -16.28 -17.30
N ALA E 240 -11.17 -15.04 -17.32
CA ALA E 240 -11.90 -13.97 -18.01
C ALA E 240 -11.98 -14.26 -19.50
N SER E 241 -10.89 -14.71 -20.11
CA SER E 241 -10.91 -15.05 -21.53
C SER E 241 -11.89 -16.19 -21.81
N MET E 242 -11.87 -17.22 -20.95
CA MET E 242 -12.80 -18.33 -21.11
C MET E 242 -14.25 -17.87 -20.96
N ALA E 243 -14.52 -16.98 -20.01
CA ALA E 243 -15.86 -16.44 -19.84
C ALA E 243 -16.28 -15.63 -21.06
N VAL E 244 -15.36 -14.87 -21.63
CA VAL E 244 -15.66 -14.11 -22.85
C VAL E 244 -16.01 -15.06 -23.98
N SER E 245 -15.25 -16.14 -24.12
CA SER E 245 -15.55 -17.13 -25.15
C SER E 245 -16.93 -17.74 -24.96
N ASP E 246 -17.27 -18.08 -23.71
CA ASP E 246 -18.60 -18.64 -23.44
C ASP E 246 -19.69 -17.62 -23.74
N VAL E 247 -19.46 -16.35 -23.41
CA VAL E 247 -20.46 -15.32 -23.68
C VAL E 247 -20.67 -15.20 -25.19
N LEU E 248 -19.59 -15.23 -25.96
CA LEU E 248 -19.72 -15.18 -27.41
C LEU E 248 -20.48 -16.39 -27.93
N VAL E 249 -20.18 -17.57 -27.38
CA VAL E 249 -20.89 -18.78 -27.81
C VAL E 249 -22.38 -18.65 -27.55
N ALA E 250 -22.74 -18.15 -26.37
CA ALA E 250 -24.15 -18.09 -25.97
C ALA E 250 -24.89 -16.97 -26.69
N ALA E 251 -24.19 -15.92 -27.10
CA ALA E 251 -24.85 -14.77 -27.71
C ALA E 251 -24.92 -14.86 -29.23
N LEU E 252 -23.87 -15.36 -29.89
CA LEU E 252 -23.78 -15.35 -31.34
C LEU E 252 -23.96 -16.72 -31.97
N VAL E 253 -23.47 -17.78 -31.32
CA VAL E 253 -23.46 -19.11 -31.92
C VAL E 253 -24.73 -19.87 -31.57
N MET E 254 -24.96 -20.08 -30.28
CA MET E 254 -26.06 -20.94 -29.86
C MET E 254 -27.42 -20.46 -30.37
N PRO E 255 -27.78 -19.18 -30.27
CA PRO E 255 -29.09 -18.76 -30.78
C PRO E 255 -29.26 -19.02 -32.27
N LEU E 256 -28.23 -18.71 -33.07
CA LEU E 256 -28.33 -18.93 -34.50
C LEU E 256 -28.42 -20.42 -34.83
N SER E 257 -27.65 -21.25 -34.11
CA SER E 257 -27.72 -22.69 -34.32
C SER E 257 -29.11 -23.22 -33.98
N LEU E 258 -29.70 -22.73 -32.88
CA LEU E 258 -31.05 -23.16 -32.52
C LEU E 258 -32.06 -22.73 -33.58
N VAL E 259 -31.93 -21.50 -34.08
CA VAL E 259 -32.84 -21.03 -35.12
C VAL E 259 -32.72 -21.89 -36.36
N HIS E 260 -31.48 -22.20 -36.77
CA HIS E 260 -31.29 -23.04 -37.95
C HIS E 260 -31.87 -24.43 -37.75
N GLU E 261 -31.66 -25.02 -36.56
CA GLU E 261 -32.18 -26.36 -36.29
C GLU E 261 -33.69 -26.39 -36.17
N LEU E 262 -34.32 -25.26 -35.81
CA LEU E 262 -35.77 -25.23 -35.71
C LEU E 262 -36.42 -25.60 -37.03
N SER E 263 -35.81 -25.24 -38.16
CA SER E 263 -36.31 -25.58 -39.47
C SER E 263 -35.71 -26.88 -40.02
N GLY E 264 -34.89 -27.56 -39.24
CA GLY E 264 -34.25 -28.79 -39.68
C GLY E 264 -32.86 -28.52 -40.23
N ARG E 265 -32.56 -29.11 -41.39
CA ARG E 265 -31.28 -28.93 -42.05
C ARG E 265 -31.29 -27.80 -43.07
N ARG E 266 -32.42 -27.12 -43.24
CA ARG E 266 -32.51 -26.04 -44.20
C ARG E 266 -31.96 -24.74 -43.62
N TRP E 267 -31.50 -23.86 -44.51
CA TRP E 267 -30.95 -22.57 -44.13
C TRP E 267 -31.65 -21.48 -44.94
N GLN E 268 -32.11 -20.44 -44.25
CA GLN E 268 -32.85 -19.35 -44.88
C GLN E 268 -32.25 -17.98 -44.62
N LEU E 269 -31.09 -17.91 -43.96
CA LEU E 269 -30.49 -16.63 -43.59
C LEU E 269 -29.70 -16.07 -44.76
N GLY E 270 -28.98 -14.97 -44.52
CA GLY E 270 -28.23 -14.33 -45.58
C GLY E 270 -27.02 -15.15 -46.00
N ARG E 271 -26.56 -14.87 -47.22
CA ARG E 271 -25.41 -15.60 -47.76
C ARG E 271 -24.16 -15.33 -46.94
N ARG E 272 -23.85 -14.05 -46.72
CA ARG E 272 -22.65 -13.71 -45.94
C ARG E 272 -22.84 -14.03 -44.46
N LEU E 273 -24.07 -13.96 -43.96
CA LEU E 273 -24.30 -14.23 -42.55
C LEU E 273 -24.05 -15.70 -42.22
N CYS E 274 -24.26 -16.60 -43.19
CA CYS E 274 -23.97 -18.05 -42.99
C CYS E 274 -22.47 -18.23 -42.80
N GLN E 275 -21.63 -17.57 -43.60
CA GLN E 275 -20.19 -17.64 -43.42
C GLN E 275 -19.77 -17.01 -42.10
N LEU E 276 -20.39 -15.87 -41.75
CA LEU E 276 -20.08 -15.23 -40.47
C LEU E 276 -20.41 -16.15 -39.30
N TRP E 277 -21.56 -16.83 -39.36
CA TRP E 277 -21.94 -17.74 -38.29
C TRP E 277 -20.98 -18.91 -38.20
N ILE E 278 -20.59 -19.49 -39.34
CA ILE E 278 -19.64 -20.60 -39.32
C ILE E 278 -18.32 -20.16 -38.70
N ALA E 279 -17.81 -19.00 -39.13
CA ALA E 279 -16.56 -18.50 -38.59
C ALA E 279 -16.66 -18.24 -37.10
N CYS E 280 -17.75 -17.63 -36.66
CA CYS E 280 -17.93 -17.35 -35.24
C CYS E 280 -17.99 -18.64 -34.43
N ASP E 281 -18.74 -19.62 -34.92
CA ASP E 281 -18.84 -20.90 -34.20
C ASP E 281 -17.47 -21.54 -34.06
N VAL E 282 -16.73 -21.65 -35.16
CA VAL E 282 -15.43 -22.31 -35.12
C VAL E 282 -14.49 -21.54 -34.20
N LEU E 283 -14.44 -20.22 -34.35
CA LEU E 283 -13.54 -19.40 -33.55
C LEU E 283 -13.85 -19.55 -32.06
N CYS E 284 -15.12 -19.46 -31.69
CA CYS E 284 -15.49 -19.51 -30.28
C CYS E 284 -15.21 -20.90 -29.70
N CYS E 285 -15.55 -21.96 -30.43
CA CYS E 285 -15.30 -23.30 -29.91
C CYS E 285 -13.81 -23.54 -29.71
N THR E 286 -13.00 -23.18 -30.72
CA THR E 286 -11.55 -23.35 -30.60
C THR E 286 -11.00 -22.50 -29.46
N ALA E 287 -11.50 -21.28 -29.31
CA ALA E 287 -11.03 -20.40 -28.25
C ALA E 287 -11.34 -20.99 -26.88
N SER E 288 -12.55 -21.54 -26.70
CA SER E 288 -12.90 -22.14 -25.43
C SER E 288 -12.02 -23.36 -25.13
N ILE E 289 -11.83 -24.21 -26.13
CA ILE E 289 -11.02 -25.41 -25.92
C ILE E 289 -9.59 -25.03 -25.55
N TRP E 290 -9.01 -24.10 -26.29
CA TRP E 290 -7.62 -23.72 -26.03
C TRP E 290 -7.50 -22.90 -24.77
N ASN E 291 -8.56 -22.21 -24.34
CA ASN E 291 -8.53 -21.53 -23.05
C ASN E 291 -8.53 -22.54 -21.91
N VAL E 292 -9.31 -23.61 -22.03
CA VAL E 292 -9.24 -24.69 -21.04
C VAL E 292 -7.84 -25.29 -21.03
N THR E 293 -7.27 -25.51 -22.21
CA THR E 293 -5.91 -26.04 -22.29
C THR E 293 -4.90 -25.11 -21.63
N ALA E 294 -5.05 -23.80 -21.85
CA ALA E 294 -4.13 -22.83 -21.26
C ALA E 294 -4.28 -22.79 -19.74
N ILE E 295 -5.51 -22.91 -19.23
CA ILE E 295 -5.70 -22.96 -17.79
C ILE E 295 -5.03 -24.20 -17.20
N ALA E 296 -5.19 -25.34 -17.87
CA ALA E 296 -4.53 -26.56 -17.40
C ALA E 296 -3.02 -26.40 -17.43
N LEU E 297 -2.48 -25.80 -18.50
CA LEU E 297 -1.04 -25.59 -18.59
C LEU E 297 -0.55 -24.66 -17.49
N ASP E 298 -1.30 -23.60 -17.20
CA ASP E 298 -0.91 -22.69 -16.12
C ASP E 298 -0.90 -23.40 -14.78
N ARG E 299 -1.93 -24.23 -14.52
CA ARG E 299 -1.94 -25.00 -13.28
C ARG E 299 -0.73 -25.92 -13.20
N TYR E 300 -0.42 -26.61 -14.31
CA TYR E 300 0.72 -27.52 -14.30
C TYR E 300 2.03 -26.79 -14.06
N TRP E 301 2.21 -25.64 -14.70
CA TRP E 301 3.44 -24.87 -14.51
C TRP E 301 3.56 -24.38 -13.08
N SER E 302 2.45 -23.89 -12.51
CA SER E 302 2.49 -23.40 -11.13
C SER E 302 2.82 -24.54 -10.17
N ILE E 303 2.22 -25.72 -10.38
CA ILE E 303 2.45 -26.83 -9.46
C ILE E 303 3.86 -27.37 -9.59
N THR E 304 4.37 -27.48 -10.82
CA THR E 304 5.65 -28.14 -11.06
C THR E 304 6.82 -27.16 -11.07
N ARG E 305 6.62 -25.96 -11.61
CA ARG E 305 7.70 -25.00 -11.74
C ARG E 305 7.42 -23.72 -10.95
N HIS E 306 6.95 -23.89 -9.70
CA HIS E 306 6.63 -22.72 -8.89
C HIS E 306 7.82 -21.79 -8.74
N MET E 307 9.05 -22.34 -8.74
CA MET E 307 10.22 -21.49 -8.58
C MET E 307 10.43 -20.60 -9.80
N GLU E 308 10.37 -21.18 -10.99
CA GLU E 308 10.60 -20.42 -12.23
C GLU E 308 9.32 -19.85 -12.81
N TYR E 309 8.16 -20.17 -12.25
CA TYR E 309 6.86 -19.69 -12.74
C TYR E 309 6.30 -18.60 -11.84
N THR E 310 7.16 -17.72 -11.33
CA THR E 310 6.72 -16.68 -10.41
C THR E 310 5.81 -15.69 -11.14
N LEU E 311 5.34 -14.69 -10.40
CA LEU E 311 4.37 -13.74 -10.95
C LEU E 311 4.91 -13.06 -12.20
N ARG E 312 6.19 -12.67 -12.18
CA ARG E 312 6.77 -12.02 -13.36
C ARG E 312 6.67 -12.93 -14.58
N THR E 313 7.13 -14.17 -14.46
CA THR E 313 7.02 -15.11 -15.55
C THR E 313 5.57 -15.51 -15.81
N ARG E 314 4.77 -15.63 -14.76
CA ARG E 314 3.40 -16.09 -14.90
C ARG E 314 2.57 -15.12 -15.73
N LYS E 315 2.71 -13.81 -15.49
CA LYS E 315 1.94 -12.82 -16.23
C LYS E 315 2.23 -12.93 -17.73
N CYS E 316 3.52 -12.91 -18.09
CA CYS E 316 3.88 -12.99 -19.50
C CYS E 316 3.42 -14.30 -20.13
N VAL E 317 3.60 -15.41 -19.42
CA VAL E 317 3.22 -16.71 -19.97
C VAL E 317 1.73 -16.77 -20.20
N SER E 318 0.93 -16.30 -19.24
CA SER E 318 -0.51 -16.33 -19.39
C SER E 318 -0.98 -15.43 -20.51
N ASN E 319 -0.41 -14.22 -20.61
CA ASN E 319 -0.80 -13.32 -21.69
C ASN E 319 -0.46 -13.92 -23.05
N VAL E 320 0.74 -14.50 -23.18
CA VAL E 320 1.12 -15.14 -24.44
C VAL E 320 0.21 -16.30 -24.75
N MET E 321 -0.16 -17.09 -23.74
CA MET E 321 -1.06 -18.22 -23.96
C MET E 321 -2.42 -17.74 -24.46
N ILE E 322 -2.96 -16.69 -23.85
CA ILE E 322 -4.26 -16.18 -24.28
C ILE E 322 -4.18 -15.65 -25.71
N ALA E 323 -3.11 -14.90 -26.01
CA ALA E 323 -2.97 -14.36 -27.35
C ALA E 323 -2.84 -15.46 -28.39
N LEU E 324 -2.04 -16.49 -28.09
CA LEU E 324 -1.89 -17.61 -29.02
C LEU E 324 -3.20 -18.37 -29.18
N THR E 325 -3.94 -18.56 -28.09
CA THR E 325 -5.25 -19.19 -28.17
C THR E 325 -6.16 -18.45 -29.14
N TRP E 326 -6.28 -17.14 -28.94
CA TRP E 326 -7.18 -16.36 -29.80
C TRP E 326 -6.70 -16.37 -31.24
N ALA E 327 -5.39 -16.22 -31.46
CA ALA E 327 -4.87 -16.20 -32.82
C ALA E 327 -5.10 -17.53 -33.53
N LEU E 328 -4.84 -18.64 -32.84
CA LEU E 328 -5.06 -19.96 -33.44
C LEU E 328 -6.53 -20.19 -33.74
N SER E 329 -7.40 -19.80 -32.81
CA SER E 329 -8.84 -19.96 -33.04
C SER E 329 -9.27 -19.16 -34.26
N ALA E 330 -8.81 -17.90 -34.37
CA ALA E 330 -9.16 -17.09 -35.53
C ALA E 330 -8.63 -17.70 -36.82
N VAL E 331 -7.39 -18.19 -36.79
CA VAL E 331 -6.80 -18.78 -38.00
C VAL E 331 -7.60 -20.00 -38.43
N ILE E 332 -7.95 -20.87 -37.48
CA ILE E 332 -8.70 -22.08 -37.82
C ILE E 332 -10.09 -21.71 -38.34
N SER E 333 -10.71 -20.69 -37.74
CA SER E 333 -12.05 -20.29 -38.17
C SER E 333 -12.03 -19.69 -39.57
N LEU E 334 -11.01 -18.89 -39.88
CA LEU E 334 -10.96 -18.20 -41.16
C LEU E 334 -10.32 -19.03 -42.27
N ALA E 335 -9.67 -20.15 -41.93
CA ALA E 335 -9.10 -21.01 -42.97
C ALA E 335 -10.16 -21.52 -43.95
N PRO E 336 -11.30 -22.06 -43.50
CA PRO E 336 -12.26 -22.59 -44.48
C PRO E 336 -12.76 -21.56 -45.47
N LEU E 337 -12.85 -20.29 -45.07
CA LEU E 337 -13.31 -19.26 -45.99
C LEU E 337 -12.35 -19.09 -47.16
N LEU E 338 -11.08 -19.41 -46.97
CA LEU E 338 -10.07 -19.28 -48.02
C LEU E 338 -9.68 -20.62 -48.64
N PHE E 339 -9.87 -21.73 -47.93
CA PHE E 339 -9.50 -23.04 -48.42
C PHE E 339 -10.68 -24.00 -48.25
N GLY E 340 -10.78 -24.97 -49.15
CA GLY E 340 -11.87 -25.91 -49.12
C GLY E 340 -13.11 -25.37 -49.81
N TRP E 341 -14.20 -26.13 -49.69
CA TRP E 341 -15.47 -25.79 -50.31
C TRP E 341 -16.59 -26.42 -49.49
N GLY E 342 -17.82 -26.19 -49.95
CA GLY E 342 -18.99 -26.73 -49.27
C GLY E 342 -19.49 -25.89 -48.11
N GLU E 343 -19.13 -24.60 -48.06
CA GLU E 343 -19.57 -23.76 -46.95
C GLU E 343 -21.09 -23.63 -46.94
N THR E 344 -21.70 -23.44 -48.09
CA THR E 344 -23.15 -23.30 -48.20
C THR E 344 -23.64 -24.06 -49.42
N TYR E 345 -24.89 -24.51 -49.34
CA TYR E 345 -25.50 -25.24 -50.45
C TYR E 345 -25.67 -24.33 -51.65
N SER E 346 -25.43 -24.87 -52.85
CA SER E 346 -25.56 -24.11 -54.08
C SER E 346 -27.01 -23.84 -54.45
N GLU E 347 -27.97 -24.51 -53.81
CA GLU E 347 -29.39 -24.33 -54.12
C GLU E 347 -29.91 -23.11 -53.37
N GLY E 348 -29.41 -21.94 -53.77
CA GLY E 348 -29.83 -20.69 -53.14
C GLY E 348 -29.49 -20.60 -51.68
N SER E 349 -28.30 -21.08 -51.29
CA SER E 349 -27.87 -21.07 -49.90
C SER E 349 -28.88 -21.77 -49.00
N GLU E 350 -29.45 -22.87 -49.50
CA GLU E 350 -30.44 -23.61 -48.73
C GLU E 350 -29.84 -24.30 -47.52
N GLU E 351 -28.52 -24.47 -47.47
CA GLU E 351 -27.86 -25.13 -46.36
C GLU E 351 -26.62 -24.32 -45.95
N CYS E 352 -26.25 -24.47 -44.68
CA CYS E 352 -25.14 -23.70 -44.05
C CYS E 352 -24.32 -24.64 -43.18
N GLN E 353 -23.07 -24.98 -43.54
CA GLN E 353 -22.28 -25.94 -42.78
C GLN E 353 -20.81 -25.60 -42.94
N VAL E 354 -20.00 -26.16 -42.04
CA VAL E 354 -18.55 -25.98 -42.14
C VAL E 354 -18.02 -26.76 -43.34
N SER E 355 -16.86 -26.31 -43.84
CA SER E 355 -16.25 -26.97 -44.98
C SER E 355 -16.02 -28.45 -44.68
N ARG E 356 -16.38 -29.30 -45.63
CA ARG E 356 -16.29 -30.74 -45.47
C ARG E 356 -15.06 -31.33 -46.17
N GLU E 357 -14.12 -30.50 -46.59
CA GLU E 357 -12.93 -30.99 -47.26
C GLU E 357 -12.12 -31.85 -46.30
N PRO E 358 -11.84 -33.12 -46.62
CA PRO E 358 -11.08 -33.95 -45.67
C PRO E 358 -9.71 -33.38 -45.34
N SER E 359 -9.01 -32.81 -46.31
CA SER E 359 -7.67 -32.29 -46.04
C SER E 359 -7.72 -31.15 -45.04
N TYR E 360 -8.69 -30.25 -45.18
CA TYR E 360 -8.86 -29.19 -44.19
C TYR E 360 -9.47 -29.74 -42.90
N ALA E 361 -10.37 -30.72 -43.01
CA ALA E 361 -11.05 -31.23 -41.83
C ALA E 361 -10.07 -31.88 -40.86
N VAL E 362 -9.15 -32.69 -41.37
CA VAL E 362 -8.19 -33.38 -40.50
C VAL E 362 -7.31 -32.36 -39.79
N PHE E 363 -6.81 -31.36 -40.54
CA PHE E 363 -5.96 -30.35 -39.93
C PHE E 363 -6.71 -29.56 -38.87
N SER E 364 -7.94 -29.16 -39.17
CA SER E 364 -8.71 -28.38 -38.20
C SER E 364 -9.00 -29.21 -36.94
N THR E 365 -9.38 -30.47 -37.10
CA THR E 365 -9.66 -31.31 -35.95
C THR E 365 -8.40 -31.53 -35.12
N VAL E 366 -7.25 -31.75 -35.77
CA VAL E 366 -6.02 -31.99 -35.02
C VAL E 366 -5.61 -30.73 -34.26
N GLY E 367 -5.61 -29.58 -34.93
CA GLY E 367 -5.17 -28.36 -34.28
C GLY E 367 -6.12 -27.90 -33.19
N ALA E 368 -7.42 -28.10 -33.39
CA ALA E 368 -8.41 -27.49 -32.50
C ALA E 368 -8.59 -28.30 -31.22
N PHE E 369 -8.72 -29.61 -31.33
CA PHE E 369 -9.10 -30.43 -30.19
C PHE E 369 -8.08 -31.50 -29.82
N TYR E 370 -7.61 -32.28 -30.79
CA TYR E 370 -6.81 -33.46 -30.46
C TYR E 370 -5.52 -33.09 -29.75
N LEU E 371 -4.76 -32.15 -30.32
CA LEU E 371 -3.53 -31.72 -29.67
C LEU E 371 -3.80 -31.09 -28.31
N PRO E 372 -4.70 -30.11 -28.17
CA PRO E 372 -5.02 -29.61 -26.82
C PRO E 372 -5.60 -30.68 -25.91
N LEU E 373 -6.36 -31.64 -26.45
CA LEU E 373 -6.88 -32.72 -25.62
C LEU E 373 -5.74 -33.53 -25.01
N CYS E 374 -4.75 -33.91 -25.84
CA CYS E 374 -3.61 -34.66 -25.34
C CYS E 374 -2.81 -33.84 -24.34
N VAL E 375 -2.62 -32.55 -24.62
CA VAL E 375 -1.89 -31.69 -23.70
C VAL E 375 -2.60 -31.62 -22.36
N VAL E 376 -3.92 -31.45 -22.38
CA VAL E 376 -4.69 -31.37 -21.14
C VAL E 376 -4.60 -32.67 -20.38
N LEU E 377 -4.72 -33.80 -21.08
CA LEU E 377 -4.63 -35.10 -20.41
C LEU E 377 -3.28 -35.26 -19.73
N PHE E 378 -2.20 -34.95 -20.44
CA PHE E 378 -0.87 -35.12 -19.88
C PHE E 378 -0.65 -34.22 -18.67
N VAL E 379 -0.99 -32.93 -18.81
CA VAL E 379 -0.75 -31.99 -17.72
C VAL E 379 -1.60 -32.35 -16.51
N TYR E 380 -2.84 -32.78 -16.72
CA TYR E 380 -3.69 -33.12 -15.58
C TYR E 380 -3.25 -34.42 -14.93
N TRP E 381 -2.75 -35.38 -15.71
CA TRP E 381 -2.19 -36.59 -15.11
C TRP E 381 -0.99 -36.24 -14.23
N LYS E 382 -0.10 -35.38 -14.74
CA LYS E 382 1.05 -34.96 -13.94
C LYS E 382 0.60 -34.23 -12.68
N ILE E 383 -0.41 -33.36 -12.81
CA ILE E 383 -0.92 -32.61 -11.66
C ILE E 383 -1.50 -33.56 -10.62
N TYR E 384 -2.26 -34.56 -11.07
CA TYR E 384 -2.84 -35.52 -10.14
C TYR E 384 -1.76 -36.31 -9.43
N LYS E 385 -0.73 -36.74 -10.17
CA LYS E 385 0.36 -37.48 -9.55
C LYS E 385 1.08 -36.63 -8.51
N ALA E 386 1.35 -35.36 -8.84
CA ALA E 386 2.03 -34.48 -7.89
C ALA E 386 1.16 -34.25 -6.66
N ALA E 387 -0.14 -34.04 -6.85
CA ALA E 387 -1.03 -33.82 -5.71
C ALA E 387 -1.09 -35.06 -4.82
N LYS E 388 -1.17 -36.24 -5.43
CA LYS E 388 -1.19 -37.47 -4.63
C LYS E 388 0.10 -37.62 -3.85
N PHE E 389 1.23 -37.33 -4.47
CA PHE E 389 2.50 -37.41 -3.76
C PHE E 389 2.54 -36.42 -2.59
N ARG E 390 2.07 -35.20 -2.82
CA ARG E 390 2.12 -34.19 -1.76
C ARG E 390 1.20 -34.56 -0.59
N VAL E 391 -0.02 -35.01 -0.89
CA VAL E 391 -0.93 -35.42 0.19
C VAL E 391 -0.37 -36.63 0.93
N GLY E 392 0.22 -37.58 0.21
CA GLY E 392 0.80 -38.73 0.86
C GLY E 392 1.90 -38.35 1.84
N SER E 393 2.68 -37.34 1.50
CA SER E 393 3.75 -36.87 2.37
C SER E 393 3.17 -36.15 3.59
N ARG E 436 -3.82 -37.84 3.50
CA ARG E 436 -5.17 -37.86 4.07
C ARG E 436 -6.16 -38.47 3.07
N GLU E 437 -7.26 -39.00 3.57
CA GLU E 437 -8.19 -39.73 2.71
C GLU E 437 -9.20 -38.79 2.08
N GLN E 438 -9.86 -37.95 2.89
CA GLN E 438 -10.75 -36.94 2.34
C GLN E 438 -10.02 -36.09 1.31
N LYS E 439 -8.74 -35.80 1.59
CA LYS E 439 -7.94 -34.94 0.73
C LYS E 439 -7.70 -35.57 -0.64
N GLU E 440 -7.22 -36.81 -0.65
CA GLU E 440 -7.01 -37.53 -1.91
C GLU E 440 -8.34 -37.69 -2.66
N GLN E 441 -9.42 -37.96 -1.92
CA GLN E 441 -10.72 -38.10 -2.56
C GLN E 441 -11.13 -36.82 -3.26
N ARG E 442 -10.94 -35.67 -2.59
CA ARG E 442 -11.29 -34.39 -3.20
C ARG E 442 -10.47 -34.15 -4.47
N ALA E 443 -9.16 -34.35 -4.39
CA ALA E 443 -8.33 -34.10 -5.56
C ALA E 443 -8.71 -35.01 -6.72
N ALA E 444 -8.88 -36.30 -6.44
CA ALA E 444 -9.23 -37.26 -7.48
C ALA E 444 -10.59 -36.93 -8.09
N LEU E 445 -11.56 -36.58 -7.24
CA LEU E 445 -12.89 -36.24 -7.76
C LEU E 445 -12.83 -35.02 -8.67
N MET E 446 -12.08 -33.99 -8.27
CA MET E 446 -11.96 -32.80 -9.10
C MET E 446 -11.36 -33.15 -10.45
N VAL E 447 -10.22 -33.84 -10.45
CA VAL E 447 -9.57 -34.16 -11.73
C VAL E 447 -10.48 -35.02 -12.59
N GLY E 448 -11.10 -36.04 -11.98
CA GLY E 448 -11.93 -36.96 -12.74
C GLY E 448 -13.15 -36.28 -13.34
N ILE E 449 -13.83 -35.46 -12.55
CA ILE E 449 -15.02 -34.78 -13.07
C ILE E 449 -14.64 -33.81 -14.19
N LEU E 450 -13.54 -33.07 -14.02
CA LEU E 450 -13.11 -32.16 -15.08
C LEU E 450 -12.85 -32.93 -16.38
N ILE E 451 -12.02 -33.98 -16.30
CA ILE E 451 -11.64 -34.71 -17.50
C ILE E 451 -12.86 -35.38 -18.12
N GLY E 452 -13.74 -35.96 -17.29
CA GLY E 452 -14.91 -36.63 -17.82
C GLY E 452 -15.85 -35.67 -18.51
N VAL E 453 -16.09 -34.49 -17.92
CA VAL E 453 -16.95 -33.50 -18.56
C VAL E 453 -16.36 -33.10 -19.90
N PHE E 454 -15.06 -32.79 -19.92
CA PHE E 454 -14.42 -32.38 -21.17
C PHE E 454 -14.57 -33.46 -22.24
N VAL E 455 -14.25 -34.71 -21.88
CA VAL E 455 -14.29 -35.80 -22.85
C VAL E 455 -15.71 -36.02 -23.35
N LEU E 456 -16.66 -36.17 -22.43
CA LEU E 456 -18.03 -36.47 -22.83
C LEU E 456 -18.59 -35.36 -23.70
N CYS E 457 -18.25 -34.10 -23.41
CA CYS E 457 -18.81 -33.00 -24.18
C CYS E 457 -18.18 -32.90 -25.57
N TRP E 458 -16.87 -33.10 -25.68
CA TRP E 458 -16.18 -32.76 -26.92
C TRP E 458 -15.84 -33.98 -27.79
N ILE E 459 -15.28 -35.04 -27.21
CA ILE E 459 -14.74 -36.13 -28.03
C ILE E 459 -15.75 -36.66 -29.03
N PRO E 460 -17.00 -36.93 -28.67
CA PRO E 460 -17.94 -37.46 -29.68
C PRO E 460 -18.10 -36.58 -30.90
N PHE E 461 -18.24 -35.26 -30.70
CA PHE E 461 -18.47 -34.36 -31.83
C PHE E 461 -17.27 -34.32 -32.75
N PHE E 462 -16.06 -34.16 -32.19
CA PHE E 462 -14.87 -34.07 -33.02
C PHE E 462 -14.60 -35.40 -33.72
N LEU E 463 -14.83 -36.52 -33.02
CA LEU E 463 -14.68 -37.81 -33.66
C LEU E 463 -15.63 -37.96 -34.84
N THR E 464 -16.89 -37.56 -34.65
CA THR E 464 -17.86 -37.65 -35.76
C THR E 464 -17.45 -36.76 -36.91
N GLU E 465 -16.99 -35.53 -36.62
CA GLU E 465 -16.65 -34.60 -37.68
C GLU E 465 -15.40 -35.02 -38.43
N LEU E 466 -14.45 -35.69 -37.77
CA LEU E 466 -13.29 -36.23 -38.46
C LEU E 466 -13.66 -37.48 -39.25
N ILE E 467 -14.55 -38.31 -38.72
CA ILE E 467 -14.91 -39.56 -39.36
C ILE E 467 -15.74 -39.32 -40.62
N SER E 468 -16.64 -38.34 -40.57
CA SER E 468 -17.58 -38.13 -41.68
C SER E 468 -16.88 -37.89 -43.02
N PRO E 469 -15.93 -36.96 -43.14
CA PRO E 469 -15.35 -36.69 -44.47
C PRO E 469 -14.65 -37.90 -45.07
N LEU E 470 -14.07 -38.77 -44.24
CA LEU E 470 -13.38 -39.96 -44.74
C LEU E 470 -14.34 -41.14 -44.92
N CYS E 471 -15.42 -41.18 -44.15
CA CYS E 471 -16.49 -42.15 -44.35
C CYS E 471 -17.37 -41.91 -45.56
N SER E 472 -17.80 -43.03 -46.14
CA SER E 472 -19.12 -43.17 -46.72
C SER E 472 -20.14 -43.65 -45.68
N CYS E 473 -19.68 -43.93 -44.46
CA CYS E 473 -20.57 -44.22 -43.33
C CYS E 473 -21.82 -43.36 -43.39
N ASP E 474 -21.66 -42.05 -43.59
CA ASP E 474 -22.79 -41.11 -43.68
C ASP E 474 -23.60 -41.10 -42.38
N ILE E 475 -22.95 -40.61 -41.34
CA ILE E 475 -23.58 -40.56 -40.01
C ILE E 475 -24.86 -39.73 -40.09
N PRO E 476 -25.95 -40.13 -39.44
CA PRO E 476 -27.19 -39.36 -39.54
C PRO E 476 -27.07 -37.98 -38.90
N ALA E 477 -27.92 -37.06 -39.35
CA ALA E 477 -27.84 -35.68 -38.90
C ALA E 477 -28.25 -35.53 -37.44
N ILE E 478 -29.11 -36.41 -36.92
CA ILE E 478 -29.55 -36.29 -35.53
C ILE E 478 -28.37 -36.45 -34.59
N TRP E 479 -27.51 -37.43 -34.86
CA TRP E 479 -26.32 -37.62 -34.02
C TRP E 479 -25.40 -36.41 -34.11
N LYS E 480 -25.26 -35.84 -35.31
CA LYS E 480 -24.44 -34.65 -35.47
C LYS E 480 -24.98 -33.50 -34.63
N SER E 481 -26.30 -33.29 -34.65
CA SER E 481 -26.90 -32.23 -33.85
C SER E 481 -26.69 -32.48 -32.37
N ILE E 482 -26.88 -33.73 -31.93
CA ILE E 482 -26.71 -34.04 -30.51
C ILE E 482 -25.28 -33.76 -30.07
N PHE E 483 -24.30 -34.20 -30.88
CA PHE E 483 -22.90 -33.97 -30.51
C PHE E 483 -22.55 -32.49 -30.55
N LEU E 484 -23.08 -31.74 -31.52
CA LEU E 484 -22.83 -30.31 -31.57
C LEU E 484 -23.39 -29.62 -30.35
N TRP E 485 -24.58 -30.02 -29.90
CA TRP E 485 -25.17 -29.37 -28.73
C TRP E 485 -24.48 -29.81 -27.45
N LEU E 486 -23.90 -31.01 -27.42
CA LEU E 486 -23.02 -31.39 -26.31
C LEU E 486 -21.78 -30.50 -26.27
N GLY E 487 -21.19 -30.25 -27.44
CA GLY E 487 -20.07 -29.33 -27.51
C GLY E 487 -20.44 -27.94 -27.04
N TYR E 488 -21.66 -27.50 -27.37
CA TYR E 488 -22.15 -26.23 -26.86
C TYR E 488 -22.31 -26.26 -25.35
N SER E 489 -22.88 -27.35 -24.82
CA SER E 489 -23.08 -27.49 -23.38
C SER E 489 -21.76 -27.56 -22.63
N ASN E 490 -20.67 -27.90 -23.31
CA ASN E 490 -19.36 -27.72 -22.70
C ASN E 490 -19.17 -26.28 -22.23
N SER E 491 -19.70 -25.33 -22.99
CA SER E 491 -19.64 -23.93 -22.60
C SER E 491 -20.39 -23.69 -21.30
N PHE E 492 -21.56 -24.34 -21.14
CA PHE E 492 -22.30 -24.22 -19.90
C PHE E 492 -21.54 -24.84 -18.74
N PHE E 493 -20.92 -25.99 -18.98
CA PHE E 493 -20.25 -26.72 -17.90
C PHE E 493 -18.96 -26.03 -17.47
N ASN E 494 -18.27 -25.35 -18.38
CA ASN E 494 -16.99 -24.73 -18.04
C ASN E 494 -17.09 -23.79 -16.85
N PRO E 495 -18.01 -22.83 -16.81
CA PRO E 495 -18.08 -21.96 -15.61
C PRO E 495 -18.40 -22.74 -14.34
N LEU E 496 -19.22 -23.79 -14.44
CA LEU E 496 -19.50 -24.60 -13.26
C LEU E 496 -18.23 -25.24 -12.73
N ILE E 497 -17.39 -25.77 -13.62
CA ILE E 497 -16.18 -26.44 -13.19
C ILE E 497 -15.18 -25.44 -12.64
N TYR E 498 -15.05 -24.28 -13.28
CA TYR E 498 -13.95 -23.37 -13.01
C TYR E 498 -14.27 -22.27 -11.99
N THR E 499 -15.56 -22.05 -11.66
CA THR E 499 -15.91 -20.97 -10.75
C THR E 499 -16.80 -21.44 -9.61
N ALA E 500 -17.64 -22.45 -9.87
CA ALA E 500 -18.56 -22.90 -8.82
C ALA E 500 -17.81 -23.50 -7.65
N PHE E 501 -16.77 -24.28 -7.93
CA PHE E 501 -15.99 -24.95 -6.89
C PHE E 501 -14.78 -24.14 -6.44
N ASN E 502 -14.60 -22.93 -6.97
CA ASN E 502 -13.51 -22.06 -6.55
C ASN E 502 -13.98 -21.19 -5.38
N LYS E 503 -13.15 -21.09 -4.35
CA LYS E 503 -13.54 -20.37 -3.14
C LYS E 503 -13.86 -18.91 -3.46
N ASN E 504 -12.96 -18.23 -4.18
CA ASN E 504 -13.15 -16.81 -4.45
C ASN E 504 -14.44 -16.59 -5.26
N TYR E 505 -14.67 -17.43 -6.27
CA TYR E 505 -15.79 -17.23 -7.17
C TYR E 505 -17.13 -17.44 -6.46
N ASN E 506 -17.26 -18.55 -5.75
CA ASN E 506 -18.50 -18.82 -5.03
C ASN E 506 -18.72 -17.81 -3.90
N SER E 507 -17.65 -17.40 -3.23
CA SER E 507 -17.79 -16.38 -2.20
C SER E 507 -18.28 -15.06 -2.78
N ALA E 508 -17.74 -14.66 -3.93
CA ALA E 508 -18.20 -13.43 -4.57
C ALA E 508 -19.65 -13.55 -5.02
N PHE E 509 -20.03 -14.71 -5.57
CA PHE E 509 -21.41 -14.91 -5.99
C PHE E 509 -22.35 -14.81 -4.80
N LYS E 510 -22.00 -15.45 -3.69
CA LYS E 510 -22.84 -15.40 -2.50
C LYS E 510 -22.94 -13.98 -1.96
N ASN E 511 -21.82 -13.24 -1.97
CA ASN E 511 -21.85 -11.85 -1.51
C ASN E 511 -22.76 -11.01 -2.39
N PHE E 512 -22.69 -11.20 -3.71
CA PHE E 512 -23.52 -10.42 -4.62
C PHE E 512 -25.00 -10.70 -4.40
N PHE E 513 -25.35 -11.97 -4.19
CA PHE E 513 -26.74 -12.35 -3.96
C PHE E 513 -27.26 -11.74 -2.67
N01 8K3 F . -19.05 -26.07 -33.50
C02 8K3 F . -17.76 -26.69 -33.71
C03 8K3 F . -16.77 -25.66 -34.27
C04 8K3 F . -15.40 -26.30 -34.38
C05 8K3 F . -14.38 -26.09 -33.49
N06 8K3 F . -13.41 -26.82 -34.00
C07 8K3 F . -13.64 -27.54 -35.17
C08 8K3 F . -14.98 -27.25 -35.51
C09 8K3 F . -15.55 -27.80 -36.64
C10 8K3 F . -14.77 -28.68 -37.47
C11 8K3 F . -13.41 -28.97 -37.09
C12 8K3 F . -12.85 -28.38 -35.92
C13 8K3 F . -15.38 -29.31 -38.74
O14 8K3 F . -14.70 -29.97 -39.46
N15 8K3 F . -16.79 -29.12 -39.06
#